data_4P26
#
_entry.id   4P26
#
_cell.length_a   62.580
_cell.length_b   63.260
_cell.length_c   90.430
_cell.angle_alpha   99.25
_cell.angle_beta   97.82
_cell.angle_gamma   119.62
#
_symmetry.space_group_name_H-M   'P 1'
#
loop_
_entity.id
_entity.type
_entity.pdbx_description
1 polymer 'P domain of VP1'
2 branched alpha-L-fucopyranose-(1-2)-[2-acetamido-2-deoxy-alpha-D-galactopyranose-(1-3)]beta-D-galactopyranose-(1-4)-2-acetamido-2-deoxy-beta-D-glucopyranose
3 water water
#
_entity_poly.entity_id   1
_entity_poly.type   'polypeptide(L)'
_entity_poly.pdbx_seq_one_letter_code
;EQKTRQLTVPNIPLNNLANSRVPAMINKMTVSTDQNQVVQFQNGRCTLEGQLLGTTPVSASQVARIRGKVFSTASGKGLN
LTELDGTPYHAFESPAPLGFPDIGACDWHVSTFKVDQNLSGDPMSRLDVKQNAPFAPHLGSIEFTSDQDPTGDQLGTLAW
VSPSTSGARVDPWKIPSYGSTVTESTHLAPPIFPPGFGEAIVYFMSDFPIVSGNTAQVPCTLPQEFVSHFVEQQAPVRGE
AALLHYVDPDTHRNLGEFKLYPDGFITCVPNTGGGPQNLPTNGVFVFSSWVSRYYQLKPVG
;
_entity_poly.pdbx_strand_id   A,B,C,D
#
# COMPACT_ATOMS: atom_id res chain seq x y z
N ARG A 5 -0.07 -15.52 -7.60
CA ARG A 5 1.34 -15.34 -8.00
C ARG A 5 2.24 -16.34 -7.27
N GLN A 6 3.20 -16.90 -8.00
CA GLN A 6 4.10 -17.90 -7.45
C GLN A 6 5.41 -17.27 -7.00
N LEU A 7 5.82 -17.57 -5.77
CA LEU A 7 7.07 -17.03 -5.25
C LEU A 7 8.27 -17.52 -6.06
N THR A 8 9.12 -16.59 -6.44
CA THR A 8 10.43 -16.92 -7.00
C THR A 8 11.48 -16.10 -6.26
N VAL A 9 12.75 -16.41 -6.48
CA VAL A 9 13.84 -15.57 -6.03
C VAL A 9 14.70 -15.24 -7.26
N PRO A 10 15.45 -14.13 -7.22
CA PRO A 10 16.18 -13.66 -8.40
C PRO A 10 17.10 -14.70 -9.03
N ASN A 11 16.98 -14.87 -10.34
CA ASN A 11 17.91 -15.67 -11.13
C ASN A 11 19.18 -14.85 -11.40
N ILE A 12 19.91 -14.57 -10.33
CA ILE A 12 21.12 -13.77 -10.40
C ILE A 12 22.15 -14.39 -9.47
N PRO A 13 23.38 -14.60 -9.96
CA PRO A 13 24.42 -15.22 -9.11
C PRO A 13 24.79 -14.35 -7.93
N LEU A 14 25.26 -14.98 -6.86
CA LEU A 14 25.59 -14.31 -5.61
C LEU A 14 26.45 -13.07 -5.81
N ASN A 15 27.45 -13.20 -6.68
CA ASN A 15 28.43 -12.13 -6.84
C ASN A 15 27.92 -10.95 -7.63
N ASN A 16 26.72 -11.06 -8.21
CA ASN A 16 26.09 -9.95 -8.90
C ASN A 16 24.97 -9.35 -8.07
N LEU A 17 24.92 -9.70 -6.78
CA LEU A 17 23.94 -9.16 -5.85
C LEU A 17 24.55 -8.06 -5.00
N ALA A 18 23.77 -7.01 -4.73
CA ALA A 18 24.24 -5.92 -3.87
C ALA A 18 23.89 -6.10 -2.39
N ASN A 19 24.75 -5.56 -1.53
CA ASN A 19 24.48 -5.49 -0.11
C ASN A 19 23.28 -4.58 0.15
N SER A 20 22.48 -4.90 1.17
CA SER A 20 21.33 -4.07 1.50
C SER A 20 21.59 -3.08 2.64
N ARG A 21 22.80 -3.08 3.17
CA ARG A 21 23.15 -2.19 4.27
C ARG A 21 24.11 -1.09 3.81
N VAL A 22 25.01 -1.44 2.92
CA VAL A 22 26.01 -0.48 2.40
C VAL A 22 26.00 -0.53 0.87
N PRO A 23 26.45 0.55 0.21
CA PRO A 23 26.51 0.53 -1.26
C PRO A 23 27.72 -0.26 -1.75
N ALA A 24 27.55 -1.57 -1.85
CA ALA A 24 28.64 -2.46 -2.22
C ALA A 24 28.07 -3.77 -2.74
N MET A 25 28.91 -4.57 -3.40
CA MET A 25 28.49 -5.88 -3.93
C MET A 25 28.77 -6.99 -2.92
N ILE A 26 27.94 -8.03 -2.94
CA ILE A 26 28.14 -9.17 -2.05
C ILE A 26 29.33 -10.00 -2.55
N ASN A 27 30.24 -10.37 -1.65
CA ASN A 27 31.36 -11.22 -2.07
C ASN A 27 31.42 -12.61 -1.44
N LYS A 28 30.58 -12.84 -0.43
CA LYS A 28 30.45 -14.18 0.12
C LYS A 28 29.31 -14.29 1.11
N MET A 29 29.00 -15.53 1.46
CA MET A 29 28.04 -15.84 2.50
C MET A 29 28.82 -16.29 3.73
N THR A 30 28.21 -16.17 4.89
CA THR A 30 28.79 -16.75 6.10
C THR A 30 27.73 -16.94 7.16
N VAL A 31 28.12 -17.60 8.24
CA VAL A 31 27.30 -17.68 9.44
C VAL A 31 28.06 -16.99 10.57
N SER A 32 27.34 -16.55 11.60
CA SER A 32 27.96 -15.85 12.71
C SER A 32 28.73 -16.82 13.61
N THR A 33 29.84 -16.35 14.18
CA THR A 33 30.67 -17.17 15.05
C THR A 33 29.85 -17.68 16.23
N ASP A 34 28.99 -16.83 16.76
CA ASP A 34 28.00 -17.27 17.73
C ASP A 34 26.73 -17.55 16.96
N GLN A 35 26.42 -18.82 16.76
CA GLN A 35 25.28 -19.16 15.92
C GLN A 35 23.94 -18.88 16.58
N ASN A 36 23.96 -18.48 17.84
CA ASN A 36 22.76 -18.03 18.52
C ASN A 36 22.59 -16.51 18.51
N GLN A 37 23.48 -15.80 17.80
CA GLN A 37 23.41 -14.34 17.80
C GLN A 37 22.14 -13.82 17.14
N VAL A 38 21.48 -12.88 17.81
CA VAL A 38 20.26 -12.25 17.29
C VAL A 38 20.61 -10.90 16.68
N VAL A 39 20.12 -10.64 15.47
CA VAL A 39 20.35 -9.33 14.85
C VAL A 39 19.06 -8.56 14.67
N GLN A 40 19.17 -7.24 14.46
CA GLN A 40 17.98 -6.42 14.26
C GLN A 40 18.24 -5.33 13.22
N PHE A 41 18.89 -5.70 12.13
CA PHE A 41 19.15 -4.78 11.02
C PHE A 41 17.85 -4.11 10.60
N GLN A 42 17.92 -2.82 10.26
CA GLN A 42 16.75 -2.05 9.83
C GLN A 42 16.68 -1.87 8.32
N ASN A 43 17.81 -2.09 7.65
CA ASN A 43 17.83 -2.16 6.19
C ASN A 43 17.95 -3.62 5.74
N GLY A 44 17.56 -3.90 4.50
CA GLY A 44 17.53 -5.27 4.01
C GLY A 44 16.39 -6.10 4.60
N ARG A 45 15.37 -5.42 5.11
CA ARG A 45 14.24 -6.10 5.77
C ARG A 45 12.96 -6.02 4.92
N CYS A 46 12.41 -7.18 4.60
CA CYS A 46 11.24 -7.27 3.73
C CYS A 46 10.62 -8.66 3.87
N THR A 47 9.29 -8.72 4.02
CA THR A 47 8.63 -10.01 4.09
C THR A 47 8.56 -10.64 2.71
N LEU A 48 8.24 -11.93 2.66
CA LEU A 48 8.14 -12.65 1.39
C LEU A 48 7.00 -12.09 0.55
N GLU A 49 5.97 -11.56 1.21
CA GLU A 49 4.83 -10.99 0.51
C GLU A 49 5.13 -9.59 -0.02
N GLY A 50 6.33 -9.09 0.27
CA GLY A 50 6.78 -7.82 -0.30
C GLY A 50 6.50 -6.59 0.55
N GLN A 51 6.40 -6.79 1.85
CA GLN A 51 6.22 -5.69 2.80
C GLN A 51 7.57 -5.21 3.30
N LEU A 52 7.94 -3.97 2.97
CA LEU A 52 9.19 -3.39 3.47
C LEU A 52 9.07 -3.16 4.97
N LEU A 53 10.16 -3.39 5.69
CA LEU A 53 10.19 -3.18 7.14
C LEU A 53 11.33 -2.23 7.51
N GLY A 54 11.24 -1.60 8.68
CA GLY A 54 12.29 -0.70 9.14
C GLY A 54 12.49 0.46 8.17
N THR A 55 13.74 0.75 7.83
CA THR A 55 14.07 1.86 6.93
C THR A 55 14.35 1.40 5.49
N THR A 56 14.14 0.10 5.25
CA THR A 56 14.53 -0.53 3.98
C THR A 56 13.92 0.14 2.76
N PRO A 57 14.78 0.61 1.83
CA PRO A 57 14.30 1.18 0.57
C PRO A 57 14.21 0.08 -0.49
N VAL A 58 13.82 0.45 -1.70
CA VAL A 58 13.63 -0.51 -2.78
C VAL A 58 14.88 -0.73 -3.62
N SER A 59 15.59 0.36 -3.93
CA SER A 59 16.72 0.32 -4.86
C SER A 59 18.07 0.25 -4.13
N ALA A 60 19.03 -0.43 -4.74
CA ALA A 60 20.38 -0.51 -4.22
C ALA A 60 21.01 0.89 -4.12
N SER A 61 20.54 1.83 -4.93
CA SER A 61 21.09 3.17 -4.90
C SER A 61 20.37 4.12 -3.93
N GLN A 62 19.52 3.55 -3.08
CA GLN A 62 18.95 4.27 -1.93
C GLN A 62 19.58 3.80 -0.61
N VAL A 63 20.43 2.78 -0.70
CA VAL A 63 20.99 2.14 0.50
C VAL A 63 22.07 2.99 1.18
N ALA A 64 21.86 3.26 2.48
CA ALA A 64 22.81 4.03 3.29
C ALA A 64 23.07 5.42 2.70
N ARG A 65 21.97 6.12 2.40
CA ARG A 65 22.03 7.47 1.89
C ARG A 65 21.32 8.43 2.85
N ILE A 66 21.67 9.71 2.75
CA ILE A 66 21.10 10.74 3.60
C ILE A 66 20.82 12.00 2.79
N ARG A 67 19.67 12.62 3.03
CA ARG A 67 19.38 13.93 2.45
C ARG A 67 18.74 14.84 3.51
N GLY A 68 19.09 16.13 3.47
CA GLY A 68 18.50 17.08 4.41
C GLY A 68 18.93 18.51 4.12
N LYS A 69 18.30 19.44 4.84
CA LYS A 69 18.66 20.85 4.72
C LYS A 69 19.55 21.25 5.88
N VAL A 70 20.66 21.91 5.57
CA VAL A 70 21.60 22.34 6.59
C VAL A 70 21.02 23.46 7.45
N PHE A 71 21.17 23.35 8.77
CA PHE A 71 20.80 24.44 9.65
C PHE A 71 21.93 24.76 10.63
N SER A 72 21.91 25.97 11.18
CA SER A 72 22.92 26.43 12.13
C SER A 72 22.32 26.60 13.52
N THR A 73 23.09 26.25 14.55
CA THR A 73 22.70 26.56 15.92
C THR A 73 23.74 27.47 16.55
N ALA A 74 23.58 27.76 17.83
CA ALA A 74 24.64 28.46 18.57
C ALA A 74 25.89 27.59 18.63
N SER A 75 25.70 26.28 18.75
CA SER A 75 26.82 25.38 18.95
C SER A 75 27.46 24.90 17.63
N GLY A 76 26.66 24.80 16.57
CA GLY A 76 27.16 24.21 15.34
C GLY A 76 26.14 24.02 14.23
N LYS A 77 26.19 22.85 13.60
CA LYS A 77 25.37 22.60 12.43
C LYS A 77 24.65 21.27 12.46
N GLY A 78 23.55 21.21 11.72
CA GLY A 78 22.79 19.97 11.58
C GLY A 78 22.07 19.86 10.26
N LEU A 79 21.48 18.70 10.03
CA LEU A 79 20.62 18.47 8.87
C LEU A 79 19.21 18.22 9.36
N ASN A 80 18.26 19.01 8.88
CA ASN A 80 16.86 18.63 9.01
C ASN A 80 16.53 17.68 7.87
N LEU A 81 16.36 16.42 8.22
CA LEU A 81 16.28 15.36 7.24
C LEU A 81 15.04 15.44 6.37
N THR A 82 15.19 14.99 5.13
CA THR A 82 14.07 14.77 4.24
C THR A 82 14.19 13.34 3.71
N GLU A 83 13.19 12.88 2.98
CA GLU A 83 13.36 11.62 2.26
C GLU A 83 14.36 11.89 1.15
N LEU A 84 14.91 10.83 0.56
CA LEU A 84 15.99 10.97 -0.41
C LEU A 84 15.57 11.72 -1.67
N ASP A 85 14.26 11.78 -1.94
CA ASP A 85 13.79 12.53 -3.09
C ASP A 85 13.54 14.00 -2.75
N GLY A 86 13.80 14.37 -1.50
CA GLY A 86 13.64 15.75 -1.09
C GLY A 86 12.28 16.08 -0.48
N THR A 87 11.34 15.15 -0.55
CA THR A 87 10.01 15.38 0.04
C THR A 87 10.13 15.46 1.55
N PRO A 88 9.11 15.92 2.27
CA PRO A 88 9.28 16.02 3.73
C PRO A 88 9.36 14.67 4.49
N TYR A 89 10.29 14.53 5.46
CA TYR A 89 10.29 13.38 6.33
C TYR A 89 9.30 13.62 7.46
N HIS A 90 8.34 12.72 7.61
CA HIS A 90 7.37 12.79 8.69
C HIS A 90 7.56 11.66 9.67
N ALA A 91 7.84 11.97 10.93
CA ALA A 91 7.95 10.95 11.95
C ALA A 91 6.59 10.25 12.12
N PHE A 92 6.53 8.99 11.70
CA PHE A 92 5.28 8.25 11.73
C PHE A 92 5.52 6.83 12.20
N GLU A 93 5.71 5.89 11.28
CA GLU A 93 5.93 4.50 11.68
C GLU A 93 7.22 3.93 11.09
N SER A 94 8.25 4.78 11.04
CA SER A 94 9.58 4.33 10.63
C SER A 94 10.65 4.94 11.53
N PRO A 95 11.80 4.24 11.68
CA PRO A 95 12.91 4.72 12.51
C PRO A 95 13.57 5.97 11.98
N ALA A 96 13.50 6.21 10.67
CA ALA A 96 14.26 7.28 10.02
C ALA A 96 13.80 7.36 8.55
N PRO A 97 14.33 8.33 7.77
CA PRO A 97 13.94 8.33 6.35
C PRO A 97 14.34 7.02 5.67
N LEU A 98 13.60 6.62 4.64
CA LEU A 98 13.95 5.39 3.93
C LEU A 98 15.37 5.43 3.38
N GLY A 99 16.12 4.35 3.60
CA GLY A 99 17.48 4.24 3.11
C GLY A 99 18.55 4.75 4.08
N PHE A 100 18.12 5.43 5.14
CA PHE A 100 19.03 5.97 6.15
C PHE A 100 19.91 4.83 6.67
N PRO A 101 21.23 5.08 6.83
CA PRO A 101 22.15 4.02 7.28
C PRO A 101 21.77 3.42 8.62
N ASP A 102 22.08 2.14 8.82
CA ASP A 102 21.77 1.45 10.07
C ASP A 102 23.00 0.79 10.70
N ILE A 103 24.19 1.34 10.44
CA ILE A 103 25.41 0.87 11.08
C ILE A 103 25.55 1.54 12.44
N GLY A 104 25.25 0.80 13.50
CA GLY A 104 25.13 1.42 14.80
C GLY A 104 26.42 1.61 15.56
N ALA A 105 26.38 2.52 16.52
CA ALA A 105 27.44 2.69 17.52
C ALA A 105 28.80 3.03 16.93
N CYS A 106 28.83 3.99 16.02
CA CYS A 106 30.07 4.45 15.40
C CYS A 106 29.89 5.84 14.80
N ASP A 107 31.01 6.49 14.47
CA ASP A 107 30.97 7.73 13.69
C ASP A 107 30.72 7.41 12.21
N TRP A 108 29.94 8.25 11.55
CA TRP A 108 29.73 8.11 10.11
C TRP A 108 30.44 9.25 9.41
N HIS A 109 30.88 8.97 8.19
CA HIS A 109 31.44 10.01 7.34
C HIS A 109 30.70 9.94 6.02
N VAL A 110 29.88 10.96 5.77
CA VAL A 110 28.91 10.97 4.68
C VAL A 110 29.29 12.02 3.64
N SER A 111 29.47 11.60 2.40
CA SER A 111 29.87 12.51 1.33
C SER A 111 28.64 13.04 0.61
N THR A 112 28.42 14.35 0.71
CA THR A 112 27.21 14.99 0.17
C THR A 112 27.52 16.08 -0.86
N PHE A 113 26.55 16.38 -1.71
CA PHE A 113 26.65 17.55 -2.59
C PHE A 113 25.40 18.41 -2.47
N LYS A 114 25.53 19.69 -2.80
CA LYS A 114 24.38 20.58 -2.79
C LYS A 114 23.57 20.35 -4.04
N VAL A 115 22.30 20.02 -3.85
CA VAL A 115 21.41 19.79 -4.97
C VAL A 115 20.87 21.09 -5.53
N ASN A 118 24.21 25.26 -10.33
CA ASN A 118 25.40 26.05 -10.61
C ASN A 118 26.53 25.73 -9.63
N LEU A 119 27.12 24.55 -9.77
CA LEU A 119 28.21 24.15 -8.91
C LEU A 119 29.54 24.70 -9.41
N SER A 120 30.39 25.11 -8.48
CA SER A 120 31.73 25.57 -8.82
C SER A 120 32.74 25.02 -7.82
N GLY A 121 34.00 24.93 -8.23
CA GLY A 121 35.05 24.44 -7.36
C GLY A 121 34.85 23.00 -6.93
N ASP A 122 35.00 22.74 -5.63
CA ASP A 122 34.80 21.41 -5.06
C ASP A 122 33.38 21.32 -4.49
N PRO A 123 32.52 20.49 -5.11
CA PRO A 123 31.12 20.42 -4.71
C PRO A 123 30.86 19.50 -3.53
N MET A 124 31.85 18.71 -3.10
CA MET A 124 31.61 17.72 -2.06
C MET A 124 31.89 18.25 -0.67
N SER A 125 31.04 17.84 0.28
CA SER A 125 31.28 18.04 1.70
C SER A 125 31.28 16.68 2.37
N ARG A 126 32.21 16.46 3.30
CA ARG A 126 32.18 15.25 4.08
C ARG A 126 31.61 15.61 5.43
N LEU A 127 30.42 15.08 5.73
CA LEU A 127 29.73 15.36 6.97
C LEU A 127 30.12 14.26 7.95
N ASP A 128 30.69 14.68 9.08
CA ASP A 128 31.14 13.75 10.09
C ASP A 128 30.11 13.72 11.20
N VAL A 129 29.53 12.54 11.42
CA VAL A 129 28.36 12.40 12.26
C VAL A 129 28.62 11.45 13.42
N LYS A 130 28.40 11.95 14.63
CA LYS A 130 28.54 11.14 15.83
C LYS A 130 27.18 10.57 16.26
N GLN A 131 27.16 9.36 16.80
CA GLN A 131 25.91 8.81 17.30
C GLN A 131 25.77 9.09 18.80
N ASN A 132 25.80 10.37 19.15
CA ASN A 132 25.60 10.82 20.53
C ASN A 132 24.22 11.48 20.69
N ALA A 133 24.07 12.39 21.65
CA ALA A 133 22.74 12.92 22.01
C ALA A 133 21.90 13.58 20.89
N PRO A 134 22.51 14.49 20.08
CA PRO A 134 21.68 15.11 19.04
C PRO A 134 21.46 14.24 17.80
N PHE A 135 21.90 12.99 17.84
CA PHE A 135 21.60 12.03 16.79
C PHE A 135 20.15 11.60 17.00
N ALA A 136 19.23 12.27 16.32
CA ALA A 136 17.80 12.02 16.49
C ALA A 136 17.08 11.82 15.15
N PRO A 137 17.53 10.83 14.36
CA PRO A 137 16.95 10.65 13.03
C PRO A 137 15.45 10.34 13.05
N HIS A 138 14.95 9.71 14.11
CA HIS A 138 13.52 9.40 14.17
C HIS A 138 12.67 10.66 14.22
N LEU A 139 13.14 11.66 14.97
CA LEU A 139 12.44 12.92 15.08
C LEU A 139 12.80 13.86 13.93
N GLY A 140 13.86 13.54 13.19
CA GLY A 140 14.11 14.19 11.92
C GLY A 140 15.34 15.07 11.79
N SER A 141 16.29 14.97 12.71
CA SER A 141 17.52 15.74 12.56
C SER A 141 18.76 15.06 13.13
N ILE A 142 19.90 15.37 12.54
CA ILE A 142 21.18 14.95 13.09
C ILE A 142 22.14 16.13 13.07
N GLU A 143 23.16 16.03 13.92
CA GLU A 143 24.20 17.05 13.97
C GLU A 143 25.42 16.53 13.22
N PHE A 144 26.19 17.43 12.61
CA PHE A 144 27.43 17.02 11.97
C PHE A 144 28.49 18.10 12.16
N THR A 145 29.75 17.72 11.97
CA THR A 145 30.81 18.68 11.78
C THR A 145 31.43 18.42 10.41
N SER A 146 32.03 19.44 9.81
CA SER A 146 32.60 19.28 8.48
C SER A 146 33.73 20.26 8.26
N ASP A 147 34.80 19.80 7.61
CA ASP A 147 35.90 20.69 7.24
C ASP A 147 35.54 21.54 6.02
N GLN A 148 34.44 21.20 5.38
CA GLN A 148 33.95 21.99 4.24
C GLN A 148 32.84 22.90 4.75
N ASP A 149 32.13 23.57 3.84
CA ASP A 149 31.08 24.49 4.25
C ASP A 149 29.73 24.20 3.59
N PRO A 150 29.15 23.02 3.89
CA PRO A 150 27.88 22.69 3.23
C PRO A 150 26.74 23.60 3.65
N THR A 151 25.88 23.96 2.70
CA THR A 151 24.67 24.72 3.00
C THR A 151 23.51 24.18 2.16
N GLY A 152 22.28 24.55 2.54
CA GLY A 152 21.10 24.19 1.77
C GLY A 152 20.80 22.70 1.70
N ASP A 153 20.31 22.28 0.55
CA ASP A 153 19.85 20.91 0.31
C ASP A 153 21.01 19.98 -0.02
N GLN A 154 21.45 19.18 0.97
CA GLN A 154 22.58 18.26 0.77
C GLN A 154 22.09 16.83 0.61
N LEU A 155 22.62 16.14 -0.40
CA LEU A 155 22.27 14.74 -0.67
C LEU A 155 23.55 13.93 -0.75
N GLY A 156 23.60 12.79 -0.06
CA GLY A 156 24.84 12.04 -0.01
C GLY A 156 24.77 10.58 0.38
N THR A 157 25.96 9.98 0.45
CA THR A 157 26.09 8.54 0.67
C THR A 157 27.13 8.28 1.75
N LEU A 158 26.85 7.31 2.62
CA LEU A 158 27.82 6.86 3.61
C LEU A 158 29.11 6.42 2.89
N ALA A 159 30.21 7.07 3.23
CA ALA A 159 31.49 6.79 2.58
C ALA A 159 32.33 5.81 3.40
N TRP A 160 32.41 6.05 4.70
CA TRP A 160 33.13 5.17 5.60
C TRP A 160 32.73 5.38 7.05
N VAL A 161 33.10 4.44 7.92
CA VAL A 161 32.76 4.54 9.34
C VAL A 161 34.00 4.35 10.22
N SER A 162 33.92 4.87 11.44
CA SER A 162 35.05 4.83 12.36
C SER A 162 34.53 4.80 13.81
N PRO A 163 35.40 4.44 14.78
CA PRO A 163 34.91 4.29 16.16
C PRO A 163 34.38 5.57 16.77
N SER A 164 33.41 5.43 17.67
CA SER A 164 32.85 6.60 18.36
C SER A 164 33.88 7.31 19.21
N THR A 165 34.83 6.54 19.75
CA THR A 165 35.90 7.07 20.62
C THR A 165 37.23 6.39 20.31
N SER A 166 38.35 7.02 20.67
CA SER A 166 39.67 6.61 20.19
C SER A 166 40.12 5.18 20.52
N GLY A 167 39.78 4.66 21.67
CA GLY A 167 40.20 3.30 21.96
C GLY A 167 39.27 2.24 21.40
N ALA A 168 38.13 2.67 20.86
CA ALA A 168 37.02 1.76 20.56
C ALA A 168 37.10 1.07 19.19
N ARG A 169 36.14 0.19 18.91
CA ARG A 169 36.06 -0.43 17.60
C ARG A 169 34.70 -0.20 16.97
N VAL A 170 34.60 -0.47 15.67
CA VAL A 170 33.32 -0.46 15.00
C VAL A 170 32.78 -1.88 14.92
N ASP A 171 31.57 -2.09 15.41
CA ASP A 171 30.89 -3.38 15.28
C ASP A 171 29.72 -3.19 14.32
N PRO A 172 29.88 -3.61 13.04
CA PRO A 172 28.84 -3.37 12.04
C PRO A 172 27.60 -4.26 12.23
N TRP A 173 27.61 -5.11 13.27
CA TRP A 173 26.48 -5.98 13.54
C TRP A 173 25.43 -5.30 14.43
N LYS A 174 25.76 -4.10 14.89
CA LYS A 174 24.85 -3.30 15.70
C LYS A 174 24.04 -2.31 14.87
N ILE A 175 22.93 -1.83 15.42
CA ILE A 175 22.10 -0.82 14.77
C ILE A 175 22.09 0.46 15.63
N PRO A 176 21.70 1.60 15.03
CA PRO A 176 21.71 2.84 15.81
C PRO A 176 20.59 2.88 16.84
N SER A 177 20.64 3.85 17.74
CA SER A 177 19.49 4.23 18.55
C SER A 177 18.84 5.43 17.87
N TYR A 178 17.68 5.24 17.29
CA TYR A 178 17.11 6.29 16.45
C TYR A 178 16.42 7.43 17.21
N GLY A 179 16.00 7.15 18.43
CA GLY A 179 15.27 8.12 19.22
C GLY A 179 16.18 9.02 20.02
N SER A 180 15.61 10.05 20.63
CA SER A 180 16.39 10.99 21.43
C SER A 180 16.11 10.80 22.92
N GLU A 184 10.76 7.08 23.81
CA GLU A 184 10.56 7.25 22.38
C GLU A 184 10.53 5.90 21.67
N SER A 185 9.42 5.66 20.96
CA SER A 185 9.22 4.43 20.21
C SER A 185 9.60 4.72 18.77
N THR A 186 10.54 3.93 18.26
CA THR A 186 11.12 4.19 16.94
C THR A 186 10.64 3.26 15.83
N HIS A 187 9.69 2.38 16.15
CA HIS A 187 9.04 1.51 15.17
C HIS A 187 10.03 0.63 14.39
N LEU A 188 10.92 -0.04 15.12
CA LEU A 188 11.96 -0.85 14.53
C LEU A 188 11.43 -2.11 13.89
N ALA A 189 12.07 -2.55 12.81
CA ALA A 189 11.90 -3.92 12.33
C ALA A 189 12.29 -4.84 13.48
N PRO A 190 11.54 -5.93 13.67
CA PRO A 190 11.75 -6.79 14.84
C PRO A 190 13.06 -7.59 14.75
N PRO A 191 13.55 -8.11 15.90
CA PRO A 191 14.77 -8.93 15.90
C PRO A 191 14.59 -10.22 15.08
N ILE A 192 15.71 -10.77 14.60
CA ILE A 192 15.71 -12.05 13.89
C ILE A 192 16.47 -13.11 14.68
N PHE A 193 15.76 -14.14 15.16
CA PHE A 193 16.39 -15.25 15.88
C PHE A 193 16.70 -16.39 14.94
N PRO A 194 17.85 -17.06 15.14
CA PRO A 194 18.03 -18.35 14.47
C PRO A 194 16.85 -19.22 14.86
N PRO A 195 16.17 -19.83 13.87
CA PRO A 195 14.84 -20.41 14.11
C PRO A 195 14.81 -21.89 14.52
N GLY A 196 15.92 -22.45 14.96
CA GLY A 196 15.89 -23.82 15.46
C GLY A 196 16.32 -24.88 14.47
N PHE A 197 16.18 -26.15 14.86
CA PHE A 197 16.49 -27.29 14.01
C PHE A 197 17.92 -27.27 13.47
N GLY A 198 18.84 -26.76 14.29
CA GLY A 198 20.24 -26.66 13.93
C GLY A 198 20.56 -25.58 12.91
N GLU A 199 19.58 -24.74 12.59
CA GLU A 199 19.75 -23.74 11.54
C GLU A 199 20.48 -22.47 12.00
N ALA A 200 21.28 -21.92 11.11
CA ALA A 200 21.99 -20.67 11.37
C ALA A 200 21.61 -19.66 10.30
N ILE A 201 21.46 -18.41 10.71
CA ILE A 201 21.14 -17.34 9.77
C ILE A 201 22.27 -17.14 8.77
N VAL A 202 21.91 -17.05 7.50
CA VAL A 202 22.90 -16.77 6.46
C VAL A 202 23.08 -15.26 6.32
N TYR A 203 24.33 -14.83 6.39
CA TYR A 203 24.63 -13.42 6.25
C TYR A 203 25.41 -13.19 4.95
N PHE A 204 25.05 -12.12 4.24
CA PHE A 204 25.73 -11.78 2.99
C PHE A 204 26.71 -10.62 3.22
N MET A 205 27.99 -10.87 2.95
CA MET A 205 29.03 -9.89 3.31
C MET A 205 29.57 -9.08 2.14
N SER A 206 29.94 -7.84 2.43
CA SER A 206 30.58 -6.97 1.45
C SER A 206 31.79 -6.27 2.06
N ASP A 207 32.84 -6.10 1.26
CA ASP A 207 33.94 -5.23 1.62
C ASP A 207 33.42 -3.80 1.78
N PHE A 208 33.89 -3.11 2.81
CA PHE A 208 33.51 -1.72 3.04
C PHE A 208 34.52 -1.04 3.96
N PRO A 209 34.80 0.26 3.73
CA PRO A 209 35.83 0.89 4.55
C PRO A 209 35.40 1.12 5.99
N ILE A 210 35.73 0.16 6.84
CA ILE A 210 35.54 0.29 8.26
C ILE A 210 36.88 0.54 8.93
N VAL A 211 37.04 1.70 9.54
CA VAL A 211 38.25 1.98 10.30
C VAL A 211 38.10 1.35 11.69
N SER A 212 39.11 0.61 12.10
CA SER A 212 39.12 -0.09 13.39
C SER A 212 37.96 -1.06 13.56
N GLY A 213 37.70 -1.85 12.52
CA GLY A 213 36.77 -2.96 12.64
C GLY A 213 37.56 -4.24 12.77
N ASN A 214 36.95 -5.30 13.28
CA ASN A 214 37.63 -6.60 13.32
C ASN A 214 37.95 -7.05 11.90
N THR A 215 37.02 -6.82 10.99
CA THR A 215 37.30 -6.93 9.56
C THR A 215 36.64 -5.75 8.86
N ALA A 216 37.03 -5.50 7.61
CA ALA A 216 36.42 -4.42 6.86
C ALA A 216 35.28 -4.97 6.00
N GLN A 217 34.31 -5.58 6.68
CA GLN A 217 33.15 -6.17 6.01
C GLN A 217 31.85 -5.82 6.72
N VAL A 218 30.78 -5.69 5.94
CA VAL A 218 29.46 -5.40 6.48
C VAL A 218 28.50 -6.54 6.12
N PRO A 219 27.83 -7.12 7.13
CA PRO A 219 26.83 -8.17 6.88
C PRO A 219 25.43 -7.61 6.60
N CYS A 220 24.65 -8.35 5.82
CA CYS A 220 23.22 -8.09 5.68
C CYS A 220 22.48 -9.43 5.60
N THR A 221 21.15 -9.41 5.74
CA THR A 221 20.38 -10.65 5.81
C THR A 221 19.58 -10.94 4.54
N LEU A 222 19.44 -9.94 3.67
CA LEU A 222 18.90 -10.15 2.33
C LEU A 222 19.68 -9.30 1.33
N PRO A 223 20.04 -9.90 0.18
CA PRO A 223 20.61 -9.11 -0.91
C PRO A 223 19.56 -8.07 -1.35
N GLN A 224 20.00 -6.87 -1.75
CA GLN A 224 19.06 -5.81 -2.06
C GLN A 224 18.11 -6.19 -3.21
N GLU A 225 18.61 -6.95 -4.18
CA GLU A 225 17.77 -7.35 -5.30
C GLU A 225 16.70 -8.38 -4.89
N PHE A 226 16.93 -9.10 -3.80
CA PHE A 226 15.92 -9.99 -3.24
C PHE A 226 14.76 -9.14 -2.68
N VAL A 227 15.11 -8.06 -1.99
CA VAL A 227 14.12 -7.13 -1.46
C VAL A 227 13.22 -6.56 -2.55
N SER A 228 13.82 -6.03 -3.61
CA SER A 228 13.02 -5.43 -4.67
C SER A 228 12.22 -6.49 -5.42
N HIS A 229 12.78 -7.70 -5.53
CA HIS A 229 12.06 -8.81 -6.14
C HIS A 229 10.76 -9.12 -5.37
N PHE A 230 10.85 -9.16 -4.04
CA PHE A 230 9.67 -9.45 -3.22
C PHE A 230 8.64 -8.31 -3.31
N VAL A 231 9.11 -7.07 -3.27
CA VAL A 231 8.24 -5.90 -3.40
C VAL A 231 7.47 -5.90 -4.73
N GLU A 232 8.18 -6.27 -5.78
CA GLU A 232 7.60 -6.27 -7.12
C GLU A 232 6.58 -7.36 -7.27
N GLN A 233 6.92 -8.51 -6.74
CA GLN A 233 6.18 -9.71 -7.04
C GLN A 233 4.89 -9.79 -6.23
N GLN A 234 4.90 -9.25 -5.00
CA GLN A 234 3.72 -9.27 -4.14
C GLN A 234 3.10 -10.66 -4.07
N ALA A 235 3.91 -11.66 -3.79
CA ALA A 235 3.43 -13.04 -3.82
C ALA A 235 2.88 -13.52 -2.48
N PRO A 236 1.82 -14.32 -2.52
CA PRO A 236 1.24 -14.94 -1.32
C PRO A 236 2.19 -16.00 -0.76
N VAL A 237 2.30 -16.02 0.56
CA VAL A 237 3.06 -17.06 1.22
C VAL A 237 2.17 -18.29 1.30
N ARG A 238 2.67 -19.44 0.83
CA ARG A 238 1.84 -20.65 0.79
C ARG A 238 2.34 -21.78 1.68
N GLY A 239 3.28 -21.47 2.54
CA GLY A 239 3.81 -22.46 3.45
C GLY A 239 4.59 -21.77 4.54
N GLU A 240 5.10 -22.55 5.48
CA GLU A 240 5.80 -21.98 6.62
C GLU A 240 7.23 -21.59 6.27
N ALA A 241 7.79 -22.20 5.24
CA ALA A 241 9.11 -21.82 4.74
C ALA A 241 9.27 -22.21 3.27
N ALA A 242 10.15 -21.51 2.58
CA ALA A 242 10.45 -21.81 1.18
C ALA A 242 11.81 -22.49 1.09
N LEU A 243 11.80 -23.75 0.66
CA LEU A 243 13.06 -24.46 0.43
C LEU A 243 13.72 -23.93 -0.83
N LEU A 244 14.97 -23.51 -0.72
CA LEU A 244 15.74 -23.05 -1.87
C LEU A 244 16.89 -24.02 -2.13
N HIS A 245 17.30 -24.13 -3.39
CA HIS A 245 18.58 -24.73 -3.73
C HIS A 245 19.54 -23.65 -4.23
N TYR A 246 20.81 -23.75 -3.84
CA TYR A 246 21.88 -22.90 -4.34
C TYR A 246 22.56 -23.68 -5.44
N VAL A 247 22.41 -23.23 -6.68
CA VAL A 247 22.75 -24.04 -7.84
C VAL A 247 23.91 -23.48 -8.66
N ASP A 248 24.81 -24.37 -9.11
CA ASP A 248 25.83 -23.98 -10.07
C ASP A 248 25.18 -23.71 -11.42
N PRO A 249 25.34 -22.49 -11.95
CA PRO A 249 24.65 -22.05 -13.17
C PRO A 249 25.14 -22.74 -14.44
N ASP A 250 26.30 -23.39 -14.39
CA ASP A 250 26.83 -24.09 -15.56
C ASP A 250 26.45 -25.57 -15.59
N THR A 251 26.55 -26.25 -14.47
CA THR A 251 26.24 -27.68 -14.42
C THR A 251 24.82 -27.95 -13.93
N HIS A 252 24.19 -26.93 -13.35
CA HIS A 252 22.85 -27.05 -12.78
C HIS A 252 22.78 -27.96 -11.55
N ARG A 253 23.95 -28.25 -10.97
CA ARG A 253 24.03 -29.06 -9.76
C ARG A 253 23.60 -28.30 -8.52
N ASN A 254 22.85 -28.98 -7.65
CA ASN A 254 22.45 -28.43 -6.37
C ASN A 254 23.62 -28.48 -5.39
N LEU A 255 24.06 -27.31 -4.94
CA LEU A 255 25.21 -27.20 -4.04
C LEU A 255 24.80 -27.19 -2.57
N GLY A 256 23.51 -27.00 -2.29
CA GLY A 256 23.04 -27.02 -0.92
C GLY A 256 21.62 -26.51 -0.71
N GLU A 257 20.98 -27.00 0.34
CA GLU A 257 19.62 -26.61 0.73
C GLU A 257 19.61 -25.41 1.68
N PHE A 258 18.67 -24.50 1.47
CA PHE A 258 18.51 -23.31 2.31
C PHE A 258 17.03 -23.12 2.56
N LYS A 259 16.68 -22.51 3.69
CA LYS A 259 15.28 -22.17 3.92
C LYS A 259 15.09 -20.64 3.93
N LEU A 260 14.04 -20.20 3.25
CA LEU A 260 13.69 -18.79 3.17
C LEU A 260 12.40 -18.59 3.94
N TYR A 261 12.48 -17.83 5.02
CA TYR A 261 11.35 -17.67 5.94
C TYR A 261 10.49 -16.45 5.56
N PRO A 262 9.16 -16.56 5.82
CA PRO A 262 8.18 -15.51 5.51
C PRO A 262 8.60 -14.13 6.05
N ASP A 263 9.21 -14.08 7.23
CA ASP A 263 9.62 -12.80 7.81
C ASP A 263 10.78 -12.15 7.06
N GLY A 264 11.42 -12.92 6.16
CA GLY A 264 12.39 -12.35 5.25
C GLY A 264 13.85 -12.50 5.68
N PHE A 265 14.29 -13.74 5.83
CA PHE A 265 15.70 -14.05 6.05
C PHE A 265 15.95 -15.47 5.57
N ILE A 266 17.22 -15.85 5.48
CA ILE A 266 17.62 -17.14 4.92
C ILE A 266 18.47 -17.92 5.93
N THR A 267 18.24 -19.23 6.02
CA THR A 267 19.03 -20.08 6.90
C THR A 267 19.63 -21.29 6.20
N CYS A 268 20.60 -21.90 6.84
CA CYS A 268 21.14 -23.18 6.41
C CYS A 268 21.52 -23.95 7.67
N VAL A 269 21.88 -25.22 7.50
CA VAL A 269 22.54 -25.94 8.57
C VAL A 269 24.02 -26.09 8.20
N PRO A 270 24.89 -25.36 8.90
CA PRO A 270 26.32 -25.40 8.60
C PRO A 270 26.96 -26.66 9.15
N ASN A 271 27.85 -27.28 8.37
CA ASN A 271 28.67 -28.35 8.92
C ASN A 271 29.56 -27.76 10.00
N THR A 272 29.85 -28.55 11.01
CA THR A 272 30.68 -28.13 12.12
C THR A 272 32.02 -27.52 11.65
N GLY A 273 32.36 -26.32 12.14
CA GLY A 273 33.60 -25.68 11.74
C GLY A 273 33.54 -25.06 10.34
N GLY A 274 32.40 -25.21 9.68
CA GLY A 274 32.24 -24.69 8.33
C GLY A 274 30.92 -23.98 8.11
N GLY A 275 30.40 -24.08 6.90
CA GLY A 275 29.17 -23.40 6.52
C GLY A 275 29.21 -22.90 5.09
N PRO A 276 28.29 -22.00 4.75
CA PRO A 276 28.15 -21.49 3.37
C PRO A 276 29.33 -20.62 2.94
N GLN A 277 30.17 -20.22 3.90
CA GLN A 277 31.41 -19.52 3.56
C GLN A 277 32.35 -20.42 2.76
N ASN A 278 32.10 -21.73 2.77
CA ASN A 278 32.92 -22.66 2.00
C ASN A 278 32.37 -23.02 0.62
N LEU A 279 31.22 -22.43 0.27
CA LEU A 279 30.61 -22.66 -1.02
C LEU A 279 31.17 -21.71 -2.07
N PRO A 280 31.05 -22.08 -3.37
CA PRO A 280 31.41 -21.15 -4.45
C PRO A 280 30.54 -19.91 -4.39
N THR A 281 31.07 -18.79 -4.84
CA THR A 281 30.34 -17.52 -4.78
C THR A 281 29.67 -17.16 -6.10
N ASN A 282 29.58 -18.13 -7.02
CA ASN A 282 28.98 -17.89 -8.34
C ASN A 282 27.66 -18.62 -8.54
N GLY A 283 27.10 -19.15 -7.45
CA GLY A 283 25.85 -19.89 -7.52
C GLY A 283 24.62 -19.02 -7.51
N VAL A 284 23.49 -19.63 -7.88
CA VAL A 284 22.21 -18.93 -7.98
C VAL A 284 21.19 -19.62 -7.09
N PHE A 285 20.45 -18.85 -6.29
CA PHE A 285 19.37 -19.41 -5.48
C PHE A 285 18.15 -19.64 -6.36
N VAL A 286 17.51 -20.79 -6.18
CA VAL A 286 16.30 -21.14 -6.94
C VAL A 286 15.25 -21.70 -5.99
N PHE A 287 14.01 -21.23 -6.13
CA PHE A 287 12.90 -21.75 -5.35
C PHE A 287 12.66 -23.22 -5.70
N SER A 288 12.52 -24.07 -4.68
CA SER A 288 12.27 -25.48 -4.90
C SER A 288 10.82 -25.87 -4.56
N SER A 289 10.41 -25.62 -3.32
CA SER A 289 9.05 -25.92 -2.89
C SER A 289 8.75 -25.29 -1.54
N TRP A 290 7.46 -25.24 -1.18
CA TRP A 290 7.05 -24.83 0.15
C TRP A 290 7.20 -26.00 1.11
N VAL A 291 7.73 -25.73 2.30
CA VAL A 291 7.94 -26.78 3.29
C VAL A 291 7.50 -26.34 4.68
N SER A 292 7.30 -27.33 5.54
CA SER A 292 6.93 -27.12 6.92
C SER A 292 8.03 -26.38 7.64
N ARG A 293 7.67 -25.66 8.70
CA ARG A 293 8.64 -25.04 9.57
C ARG A 293 9.72 -26.03 10.04
N TYR A 294 9.32 -27.29 10.21
CA TYR A 294 10.16 -28.32 10.83
C TYR A 294 11.02 -29.09 9.83
N TYR A 295 10.99 -28.72 8.55
CA TYR A 295 11.78 -29.40 7.54
C TYR A 295 13.27 -29.34 7.89
N GLN A 296 13.90 -30.51 7.98
CA GLN A 296 15.29 -30.64 8.41
C GLN A 296 16.25 -30.58 7.23
N LEU A 297 17.09 -29.54 7.19
CA LEU A 297 18.00 -29.31 6.07
C LEU A 297 19.24 -30.19 6.11
N LYS A 298 19.72 -30.57 4.93
CA LYS A 298 21.01 -31.24 4.81
C LYS A 298 22.15 -30.23 5.02
N PRO A 299 23.12 -30.58 5.87
CA PRO A 299 24.24 -29.67 6.20
C PRO A 299 25.05 -29.21 4.97
N VAL A 300 25.54 -27.97 5.00
CA VAL A 300 26.42 -27.45 3.95
C VAL A 300 27.79 -27.00 4.48
N GLY A 301 28.82 -27.09 3.64
CA GLY A 301 30.13 -26.60 3.99
C GLY A 301 30.88 -27.48 4.97
N LEU B 7 6.18 -11.49 -20.69
CA LEU B 7 7.19 -10.45 -20.44
C LEU B 7 6.71 -9.47 -19.38
N THR B 8 7.59 -9.10 -18.47
CA THR B 8 7.29 -8.03 -17.52
C THR B 8 8.40 -6.99 -17.48
N VAL B 9 8.06 -5.80 -16.99
CA VAL B 9 9.07 -4.80 -16.65
C VAL B 9 8.92 -4.57 -15.15
N PRO B 10 9.93 -3.98 -14.49
CA PRO B 10 9.85 -3.84 -13.02
C PRO B 10 8.58 -3.16 -12.49
N ASN B 11 7.91 -3.82 -11.55
CA ASN B 11 6.76 -3.27 -10.84
C ASN B 11 7.23 -2.31 -9.73
N ILE B 12 7.81 -1.19 -10.14
CA ILE B 12 8.46 -0.26 -9.22
C ILE B 12 8.28 1.16 -9.76
N PRO B 13 7.83 2.11 -8.92
CA PRO B 13 7.64 3.48 -9.40
C PRO B 13 8.96 4.09 -9.87
N LEU B 14 8.88 4.98 -10.86
CA LEU B 14 10.05 5.55 -11.50
C LEU B 14 11.02 6.18 -10.51
N ASN B 15 10.47 6.85 -9.50
CA ASN B 15 11.32 7.54 -8.53
C ASN B 15 12.02 6.60 -7.54
N ASN B 16 11.70 5.31 -7.60
CA ASN B 16 12.42 4.29 -6.84
C ASN B 16 13.35 3.44 -7.73
N LEU B 17 13.60 3.94 -8.93
CA LEU B 17 14.48 3.28 -9.89
C LEU B 17 15.81 4.01 -9.97
N ALA B 18 16.89 3.26 -10.17
CA ALA B 18 18.24 3.83 -10.18
C ALA B 18 18.71 4.21 -11.59
N ASN B 19 19.53 5.25 -11.67
CA ASN B 19 20.24 5.59 -12.89
C ASN B 19 21.25 4.50 -13.22
N SER B 20 21.44 4.23 -14.50
CA SER B 20 22.34 3.17 -14.93
C SER B 20 23.72 3.70 -15.36
N ARG B 21 23.89 5.02 -15.31
CA ARG B 21 25.17 5.64 -15.70
C ARG B 21 25.86 6.36 -14.52
N VAL B 22 25.09 6.71 -13.50
CA VAL B 22 25.66 7.25 -12.25
C VAL B 22 24.92 6.67 -11.04
N PRO B 23 25.60 6.57 -9.88
CA PRO B 23 24.93 6.04 -8.70
C PRO B 23 24.00 7.08 -8.08
N ALA B 24 22.75 7.10 -8.57
CA ALA B 24 21.78 8.10 -8.16
C ALA B 24 20.41 7.57 -8.53
N MET B 25 19.36 8.18 -7.98
CA MET B 25 18.01 7.74 -8.27
C MET B 25 17.42 8.55 -9.44
N ILE B 26 16.49 7.95 -10.18
CA ILE B 26 15.82 8.68 -11.25
C ILE B 26 14.93 9.79 -10.70
N ASN B 27 15.12 10.99 -11.24
CA ASN B 27 14.39 12.18 -10.85
C ASN B 27 13.24 12.49 -11.80
N LYS B 28 13.46 12.26 -13.09
CA LYS B 28 12.39 12.47 -14.06
C LYS B 28 12.73 11.88 -15.41
N MET B 29 11.76 11.93 -16.31
CA MET B 29 11.91 11.56 -17.70
C MET B 29 11.94 12.82 -18.53
N THR B 30 12.55 12.75 -19.71
CA THR B 30 12.43 13.83 -20.69
C THR B 30 12.83 13.31 -22.05
N VAL B 31 12.60 14.13 -23.08
CA VAL B 31 13.08 13.83 -24.41
C VAL B 31 14.16 14.87 -24.69
N SER B 32 15.03 14.59 -25.65
CA SER B 32 16.10 15.55 -25.98
C SER B 32 15.56 16.77 -26.72
N THR B 33 16.20 17.93 -26.49
CA THR B 33 15.79 19.18 -27.15
C THR B 33 15.78 19.01 -28.67
N ASP B 34 16.82 18.39 -29.18
CA ASP B 34 16.86 17.94 -30.56
C ASP B 34 16.42 16.48 -30.56
N GLN B 35 15.22 16.21 -31.09
CA GLN B 35 14.67 14.85 -30.99
C GLN B 35 15.30 13.85 -31.97
N ASN B 36 16.18 14.33 -32.84
CA ASN B 36 16.96 13.44 -33.69
C ASN B 36 18.36 13.15 -33.13
N GLN B 37 18.65 13.64 -31.93
CA GLN B 37 19.98 13.43 -31.34
C GLN B 37 20.25 11.95 -31.11
N VAL B 38 21.43 11.50 -31.53
CA VAL B 38 21.83 10.10 -31.37
C VAL B 38 22.78 9.96 -30.19
N VAL B 39 22.54 8.95 -29.36
CA VAL B 39 23.42 8.69 -28.22
C VAL B 39 24.08 7.33 -28.35
N GLN B 40 25.16 7.12 -27.61
CA GLN B 40 25.85 5.83 -27.62
C GLN B 40 26.36 5.45 -26.23
N PHE B 41 25.51 5.63 -25.21
CA PHE B 41 25.85 5.25 -23.84
C PHE B 41 26.35 3.80 -23.78
N GLN B 42 27.35 3.56 -22.95
CA GLN B 42 27.94 2.22 -22.83
C GLN B 42 27.44 1.48 -21.59
N ASN B 43 26.91 2.24 -20.64
CA ASN B 43 26.21 1.67 -19.50
C ASN B 43 24.70 1.85 -19.65
N GLY B 44 23.94 1.05 -18.91
CA GLY B 44 22.50 1.01 -19.06
C GLY B 44 22.04 0.38 -20.36
N ARG B 45 22.89 -0.47 -20.94
CA ARG B 45 22.59 -1.09 -22.23
C ARG B 45 22.37 -2.60 -22.10
N CYS B 46 21.20 -3.06 -22.51
CA CYS B 46 20.84 -4.47 -22.41
C CYS B 46 19.69 -4.76 -23.35
N THR B 47 19.76 -5.86 -24.08
CA THR B 47 18.66 -6.26 -24.95
C THR B 47 17.50 -6.80 -24.12
N LEU B 48 16.32 -6.80 -24.72
CA LEU B 48 15.10 -7.25 -24.07
C LEU B 48 15.21 -8.72 -23.67
N GLU B 49 15.98 -9.48 -24.44
CA GLU B 49 16.20 -10.90 -24.13
C GLU B 49 17.19 -11.12 -22.99
N GLY B 50 17.85 -10.07 -22.54
CA GLY B 50 18.74 -10.18 -21.39
C GLY B 50 20.23 -10.24 -21.70
N GLN B 51 20.63 -9.70 -22.85
CA GLN B 51 22.04 -9.67 -23.19
C GLN B 51 22.65 -8.32 -22.86
N LEU B 52 23.59 -8.32 -21.91
CA LEU B 52 24.30 -7.09 -21.55
C LEU B 52 25.14 -6.59 -22.74
N LEU B 53 25.20 -5.27 -22.91
CA LEU B 53 25.98 -4.64 -23.97
C LEU B 53 26.96 -3.61 -23.38
N GLY B 54 28.05 -3.33 -24.10
CA GLY B 54 29.02 -2.35 -23.63
C GLY B 54 29.62 -2.75 -22.30
N THR B 55 29.68 -1.81 -21.37
CA THR B 55 30.29 -2.07 -20.06
C THR B 55 29.23 -2.32 -18.99
N THR B 56 27.96 -2.39 -19.42
CA THR B 56 26.80 -2.50 -18.53
C THR B 56 26.87 -3.67 -17.56
N PRO B 57 26.82 -3.38 -16.25
CA PRO B 57 26.76 -4.43 -15.23
C PRO B 57 25.32 -4.79 -14.85
N VAL B 58 25.16 -5.75 -13.95
CA VAL B 58 23.84 -6.21 -13.53
C VAL B 58 23.25 -5.35 -12.39
N SER B 59 24.08 -4.98 -11.42
CA SER B 59 23.58 -4.32 -10.22
C SER B 59 23.78 -2.80 -10.22
N ALA B 60 22.87 -2.08 -9.58
CA ALA B 60 22.99 -0.64 -9.43
C ALA B 60 24.25 -0.28 -8.62
N SER B 61 24.72 -1.22 -7.80
CA SER B 61 25.92 -0.97 -7.02
C SER B 61 27.22 -1.35 -7.75
N GLN B 62 27.10 -1.63 -9.04
CA GLN B 62 28.26 -1.79 -9.91
C GLN B 62 28.41 -0.59 -10.86
N VAL B 63 27.40 0.30 -10.85
CA VAL B 63 27.35 1.42 -11.79
C VAL B 63 28.37 2.53 -11.53
N ALA B 64 29.20 2.81 -12.53
CA ALA B 64 30.18 3.90 -12.50
C ALA B 64 31.18 3.71 -11.35
N ARG B 65 31.74 2.50 -11.29
CA ARG B 65 32.77 2.20 -10.30
C ARG B 65 34.06 1.76 -10.98
N ILE B 66 35.15 1.88 -10.24
CA ILE B 66 36.48 1.57 -10.75
C ILE B 66 37.25 0.80 -9.68
N ARG B 67 37.99 -0.23 -10.10
CA ARG B 67 38.89 -0.95 -9.20
C ARG B 67 40.21 -1.21 -9.93
N GLY B 68 41.33 -1.10 -9.23
CA GLY B 68 42.62 -1.37 -9.86
C GLY B 68 43.76 -1.30 -8.86
N LYS B 69 44.95 -1.70 -9.30
CA LYS B 69 46.16 -1.66 -8.47
C LYS B 69 46.98 -0.44 -8.82
N VAL B 70 47.39 0.32 -7.81
CA VAL B 70 48.21 1.52 -8.03
C VAL B 70 49.59 1.11 -8.55
N PHE B 71 50.08 1.82 -9.58
CA PHE B 71 51.43 1.62 -10.09
C PHE B 71 52.08 2.96 -10.41
N SER B 72 53.40 2.96 -10.57
CA SER B 72 54.13 4.18 -10.85
C SER B 72 54.14 4.54 -12.34
N THR B 73 53.82 5.80 -12.63
CA THR B 73 53.86 6.32 -13.99
C THR B 73 55.01 7.32 -14.14
N ALA B 74 55.19 7.87 -15.34
CA ALA B 74 56.23 8.87 -15.57
C ALA B 74 56.08 10.11 -14.67
N SER B 75 54.84 10.53 -14.43
CA SER B 75 54.59 11.76 -13.70
C SER B 75 53.98 11.56 -12.31
N GLY B 76 53.65 10.32 -11.98
CA GLY B 76 53.08 10.04 -10.67
C GLY B 76 52.54 8.64 -10.54
N LYS B 77 51.22 8.53 -10.40
CA LYS B 77 50.55 7.26 -10.19
C LYS B 77 49.45 7.00 -11.22
N GLY B 78 49.07 5.73 -11.35
CA GLY B 78 47.98 5.32 -12.22
C GLY B 78 47.35 4.05 -11.66
N LEU B 79 46.28 3.58 -12.28
CA LEU B 79 45.68 2.30 -11.89
C LEU B 79 45.78 1.26 -12.99
N ASN B 80 46.29 0.08 -12.65
CA ASN B 80 46.16 -1.10 -13.51
C ASN B 80 44.80 -1.74 -13.19
N LEU B 81 43.83 -1.57 -14.08
CA LEU B 81 42.43 -1.94 -13.79
C LEU B 81 42.20 -3.43 -13.59
N THR B 82 41.26 -3.75 -12.70
CA THR B 82 40.73 -5.10 -12.59
C THR B 82 39.21 -4.98 -12.70
N GLU B 83 38.53 -6.12 -12.73
CA GLU B 83 37.07 -6.10 -12.60
C GLU B 83 36.74 -5.68 -11.15
N LEU B 84 35.51 -5.28 -10.90
CA LEU B 84 35.13 -4.73 -9.60
C LEU B 84 35.19 -5.76 -8.48
N ASP B 85 35.14 -7.04 -8.83
CA ASP B 85 35.20 -8.08 -7.81
C ASP B 85 36.64 -8.47 -7.52
N GLY B 86 37.58 -7.78 -8.17
CA GLY B 86 38.99 -8.04 -7.96
C GLY B 86 39.59 -9.09 -8.87
N THR B 87 38.77 -9.75 -9.67
CA THR B 87 39.30 -10.71 -10.66
C THR B 87 39.97 -9.94 -11.80
N PRO B 88 40.96 -10.57 -12.46
CA PRO B 88 41.71 -9.86 -13.51
C PRO B 88 40.82 -9.34 -14.64
N TYR B 89 41.10 -8.13 -15.10
CA TYR B 89 40.50 -7.60 -16.32
C TYR B 89 41.31 -8.09 -17.51
N HIS B 90 40.62 -8.60 -18.54
CA HIS B 90 41.29 -8.96 -19.79
C HIS B 90 40.92 -7.94 -20.85
N ALA B 91 41.92 -7.37 -21.53
CA ALA B 91 41.62 -6.49 -22.65
C ALA B 91 41.15 -7.35 -23.81
N PHE B 92 39.84 -7.36 -24.02
CA PHE B 92 39.23 -8.34 -24.91
C PHE B 92 38.12 -7.68 -25.73
N GLU B 93 36.88 -8.11 -25.52
CA GLU B 93 35.76 -7.59 -26.29
C GLU B 93 35.01 -6.41 -25.68
N SER B 94 34.99 -6.28 -24.36
CA SER B 94 34.30 -5.14 -23.75
C SER B 94 35.15 -3.88 -23.88
N PRO B 95 34.52 -2.70 -23.84
CA PRO B 95 35.27 -1.43 -23.90
C PRO B 95 36.15 -1.20 -22.68
N ALA B 96 35.81 -1.81 -21.54
CA ALA B 96 36.47 -1.56 -20.27
C ALA B 96 35.96 -2.57 -19.23
N PRO B 97 36.47 -2.51 -17.99
CA PRO B 97 35.85 -3.38 -16.98
C PRO B 97 34.36 -3.09 -16.83
N LEU B 98 33.58 -4.10 -16.47
CA LEU B 98 32.15 -3.91 -16.29
C LEU B 98 31.89 -2.85 -15.21
N GLY B 99 30.97 -1.93 -15.50
CA GLY B 99 30.64 -0.89 -14.55
C GLY B 99 31.50 0.36 -14.67
N PHE B 100 32.55 0.31 -15.48
CA PHE B 100 33.43 1.46 -15.67
C PHE B 100 32.59 2.66 -16.14
N PRO B 101 32.80 3.85 -15.56
CA PRO B 101 32.00 5.03 -15.92
C PRO B 101 32.05 5.36 -17.41
N ASP B 102 30.96 5.90 -17.94
CA ASP B 102 30.89 6.26 -19.36
C ASP B 102 30.53 7.74 -19.59
N ILE B 103 30.85 8.60 -18.63
CA ILE B 103 30.61 10.04 -18.78
C ILE B 103 31.80 10.66 -19.52
N GLY B 104 31.62 10.94 -20.80
CA GLY B 104 32.73 11.33 -21.65
C GLY B 104 33.17 12.77 -21.56
N ALA B 105 34.40 13.02 -22.04
CA ALA B 105 34.91 14.36 -22.29
C ALA B 105 34.89 15.28 -21.06
N CYS B 106 35.37 14.76 -19.94
CA CYS B 106 35.42 15.55 -18.71
C CYS B 106 36.41 14.92 -17.73
N ASP B 107 36.82 15.69 -16.73
CA ASP B 107 37.58 15.12 -15.61
C ASP B 107 36.65 14.34 -14.68
N TRP B 108 37.16 13.22 -14.15
CA TRP B 108 36.43 12.45 -13.15
C TRP B 108 37.09 12.63 -11.79
N HIS B 109 36.27 12.57 -10.74
CA HIS B 109 36.78 12.54 -9.39
C HIS B 109 36.21 11.33 -8.67
N VAL B 110 37.09 10.37 -8.40
CA VAL B 110 36.69 9.03 -7.99
C VAL B 110 37.15 8.77 -6.55
N SER B 111 36.21 8.40 -5.69
CA SER B 111 36.55 8.20 -4.29
C SER B 111 36.77 6.73 -4.02
N THR B 112 37.99 6.36 -3.61
CA THR B 112 38.35 4.96 -3.42
C THR B 112 38.89 4.64 -2.02
N PHE B 113 38.84 3.36 -1.68
CA PHE B 113 39.52 2.86 -0.49
C PHE B 113 40.35 1.63 -0.81
N LYS B 114 41.33 1.37 0.05
CA LYS B 114 42.14 0.18 -0.08
C LYS B 114 41.39 -1.01 0.49
N VAL B 115 41.21 -2.02 -0.35
CA VAL B 115 40.51 -3.24 0.03
C VAL B 115 41.41 -4.13 0.89
N ASP B 116 41.39 -3.89 2.18
CA ASP B 116 42.21 -4.61 3.15
C ASP B 116 41.36 -5.18 4.28
N ASN B 118 42.77 -4.33 7.20
CA ASN B 118 42.77 -3.41 8.33
C ASN B 118 42.98 -1.97 7.89
N LEU B 119 42.12 -1.07 8.35
CA LEU B 119 42.21 0.34 8.01
C LEU B 119 42.51 1.23 9.21
N SER B 120 43.17 2.35 8.95
CA SER B 120 43.50 3.36 9.95
C SER B 120 43.35 4.76 9.40
N GLY B 121 43.15 5.74 10.28
CA GLY B 121 43.04 7.13 9.85
C GLY B 121 41.93 7.38 8.84
N ASP B 122 42.24 8.15 7.81
CA ASP B 122 41.31 8.46 6.72
C ASP B 122 41.56 7.48 5.58
N PRO B 123 40.62 6.55 5.35
CA PRO B 123 40.85 5.47 4.37
C PRO B 123 40.55 5.88 2.93
N MET B 124 40.04 7.08 2.72
CA MET B 124 39.58 7.48 1.39
C MET B 124 40.62 8.26 0.62
N SER B 125 40.69 7.99 -0.68
CA SER B 125 41.49 8.78 -1.60
C SER B 125 40.56 9.28 -2.70
N ARG B 126 40.76 10.51 -3.13
CA ARG B 126 40.04 11.00 -4.29
C ARG B 126 41.02 10.98 -5.47
N LEU B 127 40.67 10.18 -6.48
CA LEU B 127 41.53 10.07 -7.67
C LEU B 127 41.01 11.03 -8.72
N ASP B 128 41.85 11.97 -9.15
CA ASP B 128 41.46 12.97 -10.12
C ASP B 128 41.95 12.53 -11.50
N VAL B 129 40.98 12.19 -12.36
CA VAL B 129 41.28 11.51 -13.61
C VAL B 129 40.92 12.35 -14.83
N LYS B 130 41.90 12.58 -15.70
CA LYS B 130 41.67 13.29 -16.96
C LYS B 130 41.54 12.29 -18.11
N GLN B 131 40.67 12.62 -19.07
CA GLN B 131 40.51 11.77 -20.24
C GLN B 131 41.41 12.27 -21.36
N ASN B 132 42.72 12.28 -21.10
CA ASN B 132 43.72 12.70 -22.08
C ASN B 132 44.53 11.50 -22.56
N ALA B 133 45.73 11.70 -23.11
CA ALA B 133 46.49 10.60 -23.75
C ALA B 133 46.58 9.24 -23.00
N PRO B 134 46.91 9.26 -21.69
CA PRO B 134 47.10 8.04 -20.89
C PRO B 134 45.81 7.36 -20.45
N PHE B 135 44.67 7.98 -20.74
CA PHE B 135 43.39 7.38 -20.42
C PHE B 135 43.15 6.23 -21.40
N ALA B 136 43.43 4.99 -20.95
CA ALA B 136 43.32 3.84 -21.83
C ALA B 136 42.56 2.68 -21.17
N PRO B 137 41.26 2.89 -20.90
CA PRO B 137 40.49 1.88 -20.17
C PRO B 137 40.35 0.54 -20.92
N HIS B 138 40.32 0.55 -22.24
CA HIS B 138 40.22 -0.73 -22.96
C HIS B 138 41.46 -1.57 -22.74
N LEU B 139 42.63 -0.91 -22.73
CA LEU B 139 43.88 -1.63 -22.54
C LEU B 139 44.03 -2.00 -21.08
N GLY B 140 43.32 -1.27 -20.23
CA GLY B 140 43.25 -1.60 -18.82
C GLY B 140 44.08 -0.72 -17.90
N SER B 141 44.32 0.53 -18.32
CA SER B 141 45.03 1.46 -17.44
C SER B 141 44.56 2.91 -17.57
N ILE B 142 44.56 3.62 -16.45
CA ILE B 142 44.33 5.06 -16.43
C ILE B 142 45.33 5.69 -15.48
N GLU B 143 45.54 7.00 -15.60
CA GLU B 143 46.37 7.71 -14.64
C GLU B 143 45.55 8.67 -13.79
N PHE B 144 46.11 9.13 -12.67
CA PHE B 144 45.42 10.09 -11.83
C PHE B 144 46.38 10.97 -11.04
N THR B 145 45.86 12.08 -10.53
CA THR B 145 46.55 12.84 -9.51
C THR B 145 45.66 12.77 -8.28
N SER B 146 46.25 12.94 -7.10
CA SER B 146 45.49 12.83 -5.87
C SER B 146 46.22 13.58 -4.78
N ASP B 147 45.47 14.23 -3.90
CA ASP B 147 46.09 14.90 -2.75
C ASP B 147 46.36 13.92 -1.61
N GLN B 148 45.87 12.69 -1.77
CA GLN B 148 46.15 11.64 -0.80
C GLN B 148 47.21 10.70 -1.36
N ASP B 149 47.50 9.61 -0.65
CA ASP B 149 48.56 8.69 -1.09
C ASP B 149 48.06 7.25 -1.25
N PRO B 150 47.14 7.02 -2.21
CA PRO B 150 46.60 5.67 -2.36
C PRO B 150 47.65 4.66 -2.80
N THR B 151 47.56 3.44 -2.26
CA THR B 151 48.46 2.35 -2.63
C THR B 151 47.65 1.06 -2.80
N GLY B 152 48.25 0.09 -3.49
CA GLY B 152 47.65 -1.24 -3.62
C GLY B 152 46.31 -1.29 -4.35
N ASP B 153 45.44 -2.16 -3.85
CA ASP B 153 44.15 -2.48 -4.46
C ASP B 153 43.07 -1.46 -4.04
N GLN B 154 42.77 -0.50 -4.92
CA GLN B 154 41.79 0.56 -4.67
C GLN B 154 40.46 0.28 -5.37
N LEU B 155 39.37 0.39 -4.63
CA LEU B 155 38.03 0.20 -5.16
C LEU B 155 37.21 1.43 -4.87
N GLY B 156 36.50 1.96 -5.85
CA GLY B 156 35.76 3.18 -5.62
C GLY B 156 34.67 3.53 -6.61
N THR B 157 34.08 4.70 -6.39
CA THR B 157 32.89 5.12 -7.11
C THR B 157 33.07 6.55 -7.61
N LEU B 158 32.59 6.82 -8.82
CA LEU B 158 32.59 8.19 -9.35
C LEU B 158 31.81 9.12 -8.41
N ALA B 159 32.46 10.18 -7.93
CA ALA B 159 31.84 11.08 -6.97
C ALA B 159 31.30 12.36 -7.63
N TRP B 160 32.10 12.96 -8.51
CA TRP B 160 31.67 14.16 -9.25
C TRP B 160 32.51 14.36 -10.51
N VAL B 161 32.05 15.23 -11.41
CA VAL B 161 32.77 15.51 -12.66
C VAL B 161 32.94 17.02 -12.88
N SER B 162 33.93 17.39 -13.70
CA SER B 162 34.19 18.81 -13.99
C SER B 162 34.71 18.95 -15.42
N PRO B 163 35.00 20.17 -15.84
CA PRO B 163 35.50 20.36 -17.21
C PRO B 163 36.94 19.87 -17.43
N SER B 164 37.26 19.39 -18.62
CA SER B 164 38.62 18.98 -18.95
C SER B 164 39.61 20.14 -18.90
N THR B 165 39.13 21.33 -19.29
CA THR B 165 39.94 22.54 -19.27
C THR B 165 39.11 23.68 -18.68
N SER B 166 39.77 24.72 -18.17
CA SER B 166 39.05 25.88 -17.65
C SER B 166 38.28 26.57 -18.75
N GLY B 167 37.02 26.91 -18.46
CA GLY B 167 36.19 27.60 -19.43
C GLY B 167 35.25 26.68 -20.19
N ALA B 168 35.63 25.40 -20.28
CA ALA B 168 34.80 24.43 -20.98
C ALA B 168 33.63 23.99 -20.12
N ARG B 169 32.68 23.28 -20.74
CA ARG B 169 31.51 22.79 -20.03
C ARG B 169 31.49 21.26 -20.09
N VAL B 170 30.84 20.65 -19.11
CA VAL B 170 30.67 19.21 -19.12
C VAL B 170 29.38 18.89 -19.87
N ASP B 171 29.46 17.97 -20.83
CA ASP B 171 28.27 17.45 -21.50
C ASP B 171 28.13 15.98 -21.14
N PRO B 172 27.23 15.64 -20.20
CA PRO B 172 27.13 14.25 -19.75
C PRO B 172 26.45 13.33 -20.77
N TRP B 173 26.08 13.88 -21.92
CA TRP B 173 25.50 13.08 -22.99
C TRP B 173 26.58 12.44 -23.86
N LYS B 174 27.83 12.78 -23.60
CA LYS B 174 28.96 12.19 -24.33
C LYS B 174 29.51 10.96 -23.64
N ILE B 175 30.18 10.09 -24.40
CA ILE B 175 30.86 8.91 -23.83
C ILE B 175 32.38 9.08 -24.02
N PRO B 176 33.19 8.29 -23.28
CA PRO B 176 34.63 8.41 -23.43
C PRO B 176 35.15 7.80 -24.72
N SER B 177 36.41 8.10 -25.03
CA SER B 177 37.18 7.33 -25.98
C SER B 177 37.95 6.31 -25.15
N TYR B 178 37.70 5.02 -25.40
CA TYR B 178 38.25 3.95 -24.56
C TYR B 178 39.67 3.56 -24.94
N GLY B 179 40.17 4.13 -26.04
CA GLY B 179 41.57 4.00 -26.37
C GLY B 179 41.82 3.73 -27.83
N SER B 180 43.09 3.85 -28.24
CA SER B 180 43.50 3.54 -29.60
C SER B 180 43.48 2.05 -29.83
N HIS B 187 33.72 -4.37 -28.17
CA HIS B 187 32.27 -4.59 -28.36
C HIS B 187 31.48 -3.39 -27.86
N LEU B 188 31.83 -2.19 -28.34
CA LEU B 188 31.11 -0.98 -27.94
C LEU B 188 29.63 -1.22 -28.23
N ALA B 189 28.77 -0.85 -27.30
CA ALA B 189 27.33 -0.88 -27.56
C ALA B 189 27.07 0.08 -28.71
N PRO B 190 26.20 -0.31 -29.66
CA PRO B 190 25.92 0.51 -30.85
C PRO B 190 25.12 1.77 -30.50
N PRO B 191 25.07 2.75 -31.42
CA PRO B 191 24.29 3.95 -31.16
C PRO B 191 22.80 3.63 -31.07
N ILE B 192 22.05 4.50 -30.40
CA ILE B 192 20.60 4.37 -30.35
C ILE B 192 19.98 5.46 -31.21
N PHE B 193 19.38 5.07 -32.32
CA PHE B 193 18.75 6.02 -33.23
C PHE B 193 17.27 6.16 -32.93
N PRO B 194 16.78 7.41 -32.87
CA PRO B 194 15.33 7.63 -32.85
C PRO B 194 14.72 6.94 -34.06
N PRO B 195 13.65 6.16 -33.86
CA PRO B 195 13.14 5.27 -34.91
C PRO B 195 12.20 5.92 -35.93
N GLY B 196 11.89 7.20 -35.79
CA GLY B 196 11.03 7.83 -36.77
C GLY B 196 9.59 7.96 -36.30
N PHE B 197 8.77 8.57 -37.15
CA PHE B 197 7.33 8.67 -36.92
C PHE B 197 6.96 9.44 -35.66
N GLY B 198 7.69 10.50 -35.36
CA GLY B 198 7.37 11.34 -34.22
C GLY B 198 7.81 10.76 -32.90
N GLU B 199 8.35 9.54 -32.91
CA GLU B 199 8.80 8.93 -31.67
C GLU B 199 10.12 9.57 -31.21
N ALA B 200 10.24 9.76 -29.91
CA ALA B 200 11.45 10.31 -29.33
C ALA B 200 11.94 9.38 -28.25
N ILE B 201 13.26 9.23 -28.16
CA ILE B 201 13.86 8.40 -27.13
C ILE B 201 13.60 9.00 -25.77
N VAL B 202 13.21 8.15 -24.82
CA VAL B 202 12.95 8.60 -23.46
C VAL B 202 14.22 8.49 -22.64
N TYR B 203 14.64 9.62 -22.05
CA TYR B 203 15.82 9.63 -21.22
C TYR B 203 15.45 9.79 -19.75
N PHE B 204 16.13 9.02 -18.89
CA PHE B 204 15.87 9.04 -17.46
C PHE B 204 16.96 9.83 -16.75
N MET B 205 16.56 10.91 -16.08
CA MET B 205 17.49 11.95 -15.60
C MET B 205 17.72 11.84 -14.09
N SER B 206 18.97 12.08 -13.66
CA SER B 206 19.27 12.10 -12.22
C SER B 206 20.07 13.34 -11.85
N ASP B 207 19.84 13.87 -10.65
CA ASP B 207 20.72 14.89 -10.10
C ASP B 207 22.07 14.24 -9.85
N PHE B 208 23.14 14.98 -10.13
CA PHE B 208 24.51 14.49 -9.92
C PHE B 208 25.45 15.69 -9.95
N PRO B 209 26.45 15.71 -9.05
CA PRO B 209 27.32 16.89 -9.00
C PRO B 209 28.20 17.02 -10.25
N ILE B 210 27.83 17.99 -11.08
CA ILE B 210 28.59 18.36 -12.28
C ILE B 210 28.99 19.80 -12.13
N VAL B 211 30.29 20.06 -12.05
CA VAL B 211 30.78 21.43 -12.01
C VAL B 211 30.78 22.00 -13.42
N SER B 212 30.19 23.18 -13.58
CA SER B 212 30.11 23.86 -14.87
C SER B 212 29.45 22.98 -15.93
N GLY B 213 28.23 22.54 -15.66
CA GLY B 213 27.48 21.75 -16.61
C GLY B 213 26.87 22.63 -17.69
N GLN B 217 21.80 17.58 -15.19
CA GLN B 217 21.44 16.22 -14.82
C GLN B 217 22.07 15.19 -15.75
N VAL B 218 22.23 13.96 -15.28
CA VAL B 218 22.83 12.91 -16.09
C VAL B 218 21.75 12.00 -16.66
N PRO B 219 21.72 11.84 -17.99
CA PRO B 219 20.72 11.00 -18.66
C PRO B 219 21.15 9.53 -18.74
N CYS B 220 20.17 8.63 -18.77
CA CYS B 220 20.41 7.24 -19.17
C CYS B 220 19.19 6.74 -19.95
N THR B 221 19.35 5.65 -20.68
CA THR B 221 18.28 5.13 -21.54
C THR B 221 17.49 3.94 -20.95
N LEU B 222 18.06 3.31 -19.92
CA LEU B 222 17.31 2.30 -19.14
C LEU B 222 17.58 2.48 -17.65
N PRO B 223 16.52 2.52 -16.83
CA PRO B 223 16.79 2.48 -15.39
C PRO B 223 17.50 1.16 -15.06
N GLN B 224 18.41 1.16 -14.09
CA GLN B 224 19.22 -0.02 -13.84
C GLN B 224 18.40 -1.28 -13.53
N GLU B 225 17.32 -1.12 -12.79
CA GLU B 225 16.50 -2.30 -12.46
C GLU B 225 15.82 -2.92 -13.69
N PHE B 226 15.68 -2.17 -14.77
CA PHE B 226 15.17 -2.74 -16.02
C PHE B 226 16.22 -3.70 -16.58
N VAL B 227 17.49 -3.32 -16.46
CA VAL B 227 18.59 -4.15 -16.96
C VAL B 227 18.66 -5.48 -16.20
N SER B 228 18.71 -5.44 -14.87
CA SER B 228 18.76 -6.70 -14.12
C SER B 228 17.50 -7.53 -14.34
N HIS B 229 16.37 -6.86 -14.52
CA HIS B 229 15.12 -7.56 -14.83
C HIS B 229 15.24 -8.37 -16.13
N PHE B 230 15.76 -7.74 -17.18
CA PHE B 230 15.94 -8.43 -18.46
C PHE B 230 16.94 -9.58 -18.34
N VAL B 231 18.05 -9.35 -17.65
CA VAL B 231 19.07 -10.38 -17.45
C VAL B 231 18.50 -11.57 -16.68
N GLU B 232 17.75 -11.24 -15.63
CA GLU B 232 17.16 -12.24 -14.73
C GLU B 232 16.17 -13.12 -15.46
N GLN B 233 15.34 -12.47 -16.30
CA GLN B 233 14.20 -13.12 -16.91
C GLN B 233 14.55 -13.98 -18.12
N GLN B 234 15.50 -13.51 -18.94
CA GLN B 234 15.85 -14.18 -20.19
C GLN B 234 14.59 -14.45 -21.02
N ALA B 235 13.75 -13.43 -21.12
CA ALA B 235 12.47 -13.56 -21.81
C ALA B 235 12.63 -13.65 -23.33
N PRO B 236 11.84 -14.53 -23.97
CA PRO B 236 11.73 -14.53 -25.43
C PRO B 236 11.07 -13.23 -25.90
N VAL B 237 11.61 -12.65 -26.96
CA VAL B 237 10.99 -11.48 -27.58
C VAL B 237 9.95 -11.97 -28.56
N ARG B 238 8.68 -11.61 -28.34
CA ARG B 238 7.59 -12.16 -29.14
C ARG B 238 6.91 -11.18 -30.07
N GLY B 239 7.53 -10.01 -30.26
CA GLY B 239 7.00 -9.00 -31.16
C GLY B 239 8.08 -8.00 -31.47
N GLU B 240 7.77 -7.03 -32.33
CA GLU B 240 8.75 -6.04 -32.75
C GLU B 240 8.95 -4.93 -31.73
N ALA B 241 7.99 -4.77 -30.84
CA ALA B 241 8.11 -3.82 -29.74
C ALA B 241 7.15 -4.18 -28.61
N ALA B 242 7.50 -3.79 -27.39
CA ALA B 242 6.64 -4.02 -26.24
C ALA B 242 5.92 -2.74 -25.87
N LEU B 243 4.59 -2.76 -25.95
CA LEU B 243 3.79 -1.62 -25.55
C LEU B 243 3.67 -1.55 -24.02
N LEU B 244 4.13 -0.44 -23.45
CA LEU B 244 4.06 -0.23 -22.00
C LEU B 244 3.06 0.87 -21.63
N HIS B 245 2.38 0.69 -20.50
CA HIS B 245 1.60 1.77 -19.91
C HIS B 245 2.34 2.31 -18.70
N TYR B 246 2.31 3.63 -18.53
CA TYR B 246 2.87 4.28 -17.35
C TYR B 246 1.67 4.61 -16.45
N VAL B 247 1.58 3.89 -15.33
CA VAL B 247 0.37 3.90 -14.50
C VAL B 247 0.57 4.61 -13.16
N ASP B 248 -0.41 5.42 -12.79
CA ASP B 248 -0.44 6.03 -11.46
C ASP B 248 -0.70 4.92 -10.43
N PRO B 249 0.25 4.71 -9.51
CA PRO B 249 0.13 3.59 -8.56
C PRO B 249 -0.98 3.78 -7.52
N ASP B 250 -1.48 5.01 -7.36
CA ASP B 250 -2.49 5.26 -6.35
C ASP B 250 -3.92 5.32 -6.90
N THR B 251 -4.09 5.80 -8.12
CA THR B 251 -5.42 5.85 -8.73
C THR B 251 -5.59 4.73 -9.76
N HIS B 252 -4.46 4.14 -10.16
CA HIS B 252 -4.42 3.07 -11.17
C HIS B 252 -4.82 3.52 -12.58
N ARG B 253 -4.74 4.82 -12.82
CA ARG B 253 -5.05 5.35 -14.15
C ARG B 253 -3.85 5.29 -15.08
N ASN B 254 -4.12 5.04 -16.36
CA ASN B 254 -3.08 5.02 -17.38
C ASN B 254 -2.68 6.46 -17.71
N LEU B 255 -1.40 6.78 -17.54
CA LEU B 255 -0.93 8.15 -17.74
C LEU B 255 -0.29 8.35 -19.12
N GLY B 256 0.04 7.27 -19.80
CA GLY B 256 0.62 7.37 -21.13
C GLY B 256 1.18 6.08 -21.70
N GLU B 257 1.35 6.06 -23.01
CA GLU B 257 1.87 4.91 -23.75
C GLU B 257 3.33 5.07 -24.13
N PHE B 258 4.08 3.97 -24.04
CA PHE B 258 5.49 3.97 -24.40
C PHE B 258 5.80 2.68 -25.16
N LYS B 259 6.82 2.71 -26.00
CA LYS B 259 7.29 1.49 -26.65
C LYS B 259 8.68 1.09 -26.17
N LEU B 260 8.84 -0.20 -25.84
CA LEU B 260 10.13 -0.74 -25.43
C LEU B 260 10.66 -1.63 -26.54
N TYR B 261 11.80 -1.26 -27.13
CA TYR B 261 12.34 -1.99 -28.27
C TYR B 261 13.29 -3.12 -27.84
N PRO B 262 13.34 -4.20 -28.64
CA PRO B 262 14.19 -5.36 -28.33
C PRO B 262 15.65 -4.99 -28.09
N ASP B 263 16.16 -3.96 -28.77
CA ASP B 263 17.56 -3.57 -28.57
C ASP B 263 17.81 -2.88 -27.22
N GLY B 264 16.73 -2.55 -26.52
CA GLY B 264 16.84 -2.08 -25.15
C GLY B 264 16.81 -0.57 -24.95
N PHE B 265 15.78 0.07 -25.49
CA PHE B 265 15.53 1.48 -25.20
C PHE B 265 14.02 1.74 -25.28
N ILE B 266 13.59 2.90 -24.81
CA ILE B 266 12.16 3.22 -24.72
C ILE B 266 11.85 4.52 -25.46
N THR B 267 10.69 4.57 -26.12
CA THR B 267 10.27 5.78 -26.81
C THR B 267 8.86 6.19 -26.42
N CYS B 268 8.52 7.43 -26.78
CA CYS B 268 7.16 7.93 -26.67
C CYS B 268 6.97 8.90 -27.83
N VAL B 269 5.73 9.34 -28.03
CA VAL B 269 5.48 10.47 -28.90
C VAL B 269 5.17 11.66 -28.00
N PRO B 270 6.13 12.58 -27.86
CA PRO B 270 5.90 13.72 -26.96
C PRO B 270 4.99 14.76 -27.61
N ASN B 271 4.00 15.26 -26.88
CA ASN B 271 3.23 16.41 -27.35
C ASN B 271 4.15 17.60 -27.58
N THR B 272 3.89 18.36 -28.63
CA THR B 272 4.72 19.50 -28.97
C THR B 272 4.74 20.51 -27.81
N GLY B 273 5.95 20.89 -27.40
CA GLY B 273 6.10 21.83 -26.31
C GLY B 273 6.08 21.14 -24.96
N GLY B 274 6.00 19.81 -24.99
CA GLY B 274 5.92 19.04 -23.77
C GLY B 274 6.62 17.70 -23.89
N GLY B 275 6.05 16.67 -23.27
CA GLY B 275 6.67 15.36 -23.29
C GLY B 275 6.62 14.70 -21.93
N PRO B 276 7.31 13.56 -21.78
CA PRO B 276 7.24 12.81 -20.51
C PRO B 276 7.81 13.60 -19.32
N GLN B 277 8.53 14.69 -19.58
CA GLN B 277 8.95 15.59 -18.50
C GLN B 277 7.77 16.24 -17.78
N ASN B 278 6.60 16.22 -18.41
CA ASN B 278 5.40 16.77 -17.77
C ASN B 278 4.58 15.75 -16.97
N LEU B 279 4.96 14.48 -17.02
CA LEU B 279 4.26 13.43 -16.27
C LEU B 279 4.76 13.35 -14.83
N PRO B 280 3.90 12.88 -13.91
CA PRO B 280 4.33 12.65 -12.53
C PRO B 280 5.48 11.65 -12.51
N THR B 281 6.37 11.77 -11.54
CA THR B 281 7.56 10.93 -11.50
C THR B 281 7.40 9.71 -10.58
N ASN B 282 6.17 9.41 -10.17
CA ASN B 282 5.93 8.27 -9.29
C ASN B 282 5.11 7.15 -9.93
N GLY B 283 5.02 7.17 -11.25
CA GLY B 283 4.27 6.17 -11.99
C GLY B 283 5.02 4.85 -12.18
N VAL B 284 4.28 3.81 -12.53
CA VAL B 284 4.86 2.49 -12.72
C VAL B 284 4.69 2.02 -14.17
N PHE B 285 5.78 1.56 -14.79
CA PHE B 285 5.67 0.99 -16.13
C PHE B 285 5.14 -0.44 -16.04
N VAL B 286 4.20 -0.76 -16.93
CA VAL B 286 3.53 -2.07 -16.95
C VAL B 286 3.45 -2.58 -18.40
N PHE B 287 3.93 -3.79 -18.65
CA PHE B 287 3.79 -4.41 -19.96
C PHE B 287 2.33 -4.61 -20.31
N SER B 288 1.93 -4.14 -21.50
CA SER B 288 0.55 -4.30 -21.94
C SER B 288 0.41 -5.37 -23.03
N SER B 289 1.15 -5.19 -24.13
CA SER B 289 1.16 -6.19 -25.20
C SER B 289 2.34 -6.01 -26.15
N TRP B 290 2.59 -7.05 -26.94
CA TRP B 290 3.54 -6.97 -28.04
C TRP B 290 2.87 -6.28 -29.23
N VAL B 291 3.57 -5.33 -29.85
CA VAL B 291 3.04 -4.62 -31.01
C VAL B 291 4.05 -4.57 -32.15
N SER B 292 3.58 -4.20 -33.34
CA SER B 292 4.45 -4.12 -34.50
C SER B 292 5.34 -2.88 -34.42
N ARG B 293 6.37 -2.86 -35.27
CA ARG B 293 7.34 -1.77 -35.30
C ARG B 293 6.67 -0.43 -35.40
N TYR B 294 5.62 -0.35 -36.20
CA TYR B 294 5.08 0.96 -36.51
C TYR B 294 3.76 1.25 -35.81
N TYR B 295 3.51 0.52 -34.72
CA TYR B 295 2.38 0.81 -33.86
C TYR B 295 2.46 2.28 -33.43
N GLN B 296 1.40 3.01 -33.72
CA GLN B 296 1.36 4.44 -33.48
C GLN B 296 0.93 4.75 -32.05
N LEU B 297 1.79 5.42 -31.30
CA LEU B 297 1.52 5.76 -29.90
C LEU B 297 0.67 7.01 -29.72
N LYS B 298 -0.21 6.97 -28.72
CA LYS B 298 -0.92 8.17 -28.29
C LYS B 298 0.09 9.13 -27.66
N PRO B 299 0.09 10.40 -28.10
CA PRO B 299 1.05 11.37 -27.57
C PRO B 299 0.94 11.60 -26.06
N VAL B 300 2.06 11.94 -25.44
CA VAL B 300 2.10 12.15 -24.00
C VAL B 300 2.67 13.55 -23.66
N GLY B 301 2.32 14.07 -22.49
CA GLY B 301 2.88 15.33 -22.02
C GLY B 301 2.39 16.52 -22.81
N GLN C 6 -14.55 13.24 -16.20
CA GLN C 6 -14.84 13.69 -14.86
C GLN C 6 -15.47 12.58 -14.01
N LEU C 7 -16.31 11.77 -14.65
CA LEU C 7 -16.96 10.66 -13.95
C LEU C 7 -15.91 9.73 -13.35
N THR C 8 -16.15 9.30 -12.12
CA THR C 8 -15.28 8.33 -11.48
C THR C 8 -16.10 7.23 -10.80
N VAL C 9 -15.46 6.10 -10.52
CA VAL C 9 -16.05 5.07 -9.69
C VAL C 9 -15.10 4.87 -8.50
N PRO C 10 -15.61 4.31 -7.39
CA PRO C 10 -14.79 4.22 -6.17
C PRO C 10 -13.40 3.62 -6.37
N ASN C 11 -12.37 4.33 -5.92
CA ASN C 11 -11.01 3.81 -5.93
C ASN C 11 -10.81 2.95 -4.67
N ILE C 12 -11.47 1.80 -4.66
CA ILE C 12 -11.51 0.90 -3.52
C ILE C 12 -11.60 -0.54 -4.02
N PRO C 13 -10.74 -1.44 -3.52
CA PRO C 13 -10.75 -2.85 -3.96
C PRO C 13 -12.09 -3.52 -3.70
N LEU C 14 -12.47 -4.44 -4.59
CA LEU C 14 -13.79 -5.06 -4.55
C LEU C 14 -14.11 -5.68 -3.20
N ASN C 15 -13.09 -6.27 -2.58
CA ASN C 15 -13.30 -6.96 -1.30
C ASN C 15 -13.46 -6.01 -0.12
N ASN C 16 -13.24 -4.71 -0.36
CA ASN C 16 -13.54 -3.69 0.64
C ASN C 16 -14.82 -2.93 0.34
N LEU C 17 -15.64 -3.49 -0.56
CA LEU C 17 -16.96 -2.92 -0.90
C LEU C 17 -18.11 -3.75 -0.31
N ALA C 18 -19.19 -3.07 0.08
CA ALA C 18 -20.32 -3.74 0.73
C ALA C 18 -21.38 -4.18 -0.26
N ASN C 19 -22.06 -5.27 0.08
CA ASN C 19 -23.25 -5.70 -0.65
C ASN C 19 -24.33 -4.65 -0.45
N SER C 20 -25.16 -4.45 -1.47
CA SER C 20 -26.22 -3.46 -1.39
C SER C 20 -27.59 -4.07 -1.05
N ARG C 21 -27.63 -5.39 -0.88
CA ARG C 21 -28.88 -6.07 -0.54
C ARG C 21 -28.88 -6.74 0.83
N VAL C 22 -27.69 -7.06 1.36
CA VAL C 22 -27.57 -7.54 2.73
C VAL C 22 -26.35 -6.87 3.37
N PRO C 23 -26.35 -6.74 4.72
CA PRO C 23 -25.20 -6.12 5.37
C PRO C 23 -24.01 -7.08 5.46
N ALA C 24 -23.22 -7.10 4.39
CA ALA C 24 -22.05 -7.97 4.31
C ALA C 24 -21.11 -7.42 3.26
N MET C 25 -19.88 -7.93 3.24
CA MET C 25 -18.90 -7.49 2.26
C MET C 25 -18.98 -8.37 1.02
N ILE C 26 -18.59 -7.80 -0.13
CA ILE C 26 -18.51 -8.56 -1.36
C ILE C 26 -17.34 -9.51 -1.30
N ASN C 27 -17.59 -10.75 -1.70
CA ASN C 27 -16.51 -11.70 -1.72
C ASN C 27 -16.23 -12.30 -3.10
N LYS C 28 -17.14 -12.12 -4.05
CA LYS C 28 -16.81 -12.45 -5.43
C LYS C 28 -17.75 -11.87 -6.45
N MET C 29 -17.34 -11.96 -7.71
CA MET C 29 -18.20 -11.59 -8.83
C MET C 29 -18.63 -12.86 -9.52
N THR C 30 -19.77 -12.81 -10.20
CA THR C 30 -20.17 -13.92 -11.05
C THR C 30 -21.21 -13.47 -12.08
N VAL C 31 -21.48 -14.36 -13.04
CA VAL C 31 -22.59 -14.17 -13.96
C VAL C 31 -23.62 -15.24 -13.64
N SER C 32 -24.88 -14.99 -14.00
CA SER C 32 -25.92 -15.97 -13.75
C SER C 32 -25.73 -17.19 -14.67
N THR C 33 -26.17 -18.35 -14.20
CA THR C 33 -26.06 -19.59 -14.97
C THR C 33 -26.83 -19.48 -16.28
N ASP C 34 -28.00 -18.88 -16.23
CA ASP C 34 -28.69 -18.47 -17.44
C ASP C 34 -28.37 -17.00 -17.63
N GLN C 35 -27.54 -16.69 -18.61
CA GLN C 35 -27.12 -15.30 -18.83
C GLN C 35 -28.25 -14.41 -19.35
N ASN C 36 -29.39 -15.01 -19.67
CA ASN C 36 -30.56 -14.25 -20.09
C ASN C 36 -31.55 -13.95 -18.96
N GLN C 37 -31.20 -14.37 -17.75
CA GLN C 37 -32.07 -14.15 -16.60
C GLN C 37 -32.20 -12.67 -16.32
N VAL C 38 -33.43 -12.22 -16.10
CA VAL C 38 -33.71 -10.82 -15.80
C VAL C 38 -33.95 -10.69 -14.30
N VAL C 39 -33.33 -9.70 -13.66
CA VAL C 39 -33.60 -9.43 -12.24
C VAL C 39 -34.28 -8.09 -12.05
N GLN C 40 -34.88 -7.90 -10.89
CA GLN C 40 -35.55 -6.64 -10.58
C GLN C 40 -35.32 -6.24 -9.11
N PHE C 41 -34.09 -6.40 -8.65
CA PHE C 41 -33.71 -6.02 -7.28
C PHE C 41 -34.15 -4.57 -7.01
N GLN C 42 -34.62 -4.32 -5.79
CA GLN C 42 -35.12 -3.00 -5.41
C GLN C 42 -34.09 -2.19 -4.62
N ASN C 43 -33.13 -2.91 -4.04
CA ASN C 43 -31.98 -2.29 -3.40
C ASN C 43 -30.77 -2.39 -4.30
N GLY C 44 -29.80 -1.51 -4.07
CA GLY C 44 -28.61 -1.42 -4.91
C GLY C 44 -28.88 -0.79 -6.27
N ARG C 45 -29.94 0.01 -6.36
CA ARG C 45 -30.34 0.61 -7.63
C ARG C 45 -30.14 2.13 -7.63
N CYS C 46 -29.38 2.63 -8.60
CA CYS C 46 -29.08 4.06 -8.69
C CYS C 46 -28.56 4.36 -10.09
N THR C 47 -29.06 5.41 -10.73
CA THR C 47 -28.51 5.78 -12.04
C THR C 47 -27.15 6.42 -11.88
N LEU C 48 -26.41 6.50 -12.99
CA LEU C 48 -25.09 7.15 -13.00
C LEU C 48 -25.13 8.60 -12.57
N GLU C 49 -26.24 9.28 -12.87
CA GLU C 49 -26.40 10.68 -12.47
C GLU C 49 -26.65 10.84 -10.99
N GLY C 50 -26.84 9.74 -10.27
CA GLY C 50 -27.06 9.80 -8.84
C GLY C 50 -28.51 9.84 -8.42
N GLN C 51 -29.39 9.28 -9.24
CA GLN C 51 -30.80 9.14 -8.87
C GLN C 51 -31.08 7.77 -8.25
N LEU C 52 -31.41 7.74 -6.95
CA LEU C 52 -31.75 6.48 -6.28
C LEU C 52 -33.05 5.91 -6.82
N LEU C 53 -33.10 4.59 -6.98
CA LEU C 53 -34.31 3.93 -7.49
C LEU C 53 -34.81 2.88 -6.49
N GLY C 54 -36.10 2.56 -6.55
CA GLY C 54 -36.65 1.55 -5.68
C GLY C 54 -36.51 1.93 -4.21
N THR C 55 -36.10 0.98 -3.38
CA THR C 55 -35.95 1.21 -1.95
C THR C 55 -34.50 1.54 -1.57
N THR C 56 -33.65 1.72 -2.57
CA THR C 56 -32.21 1.91 -2.34
C THR C 56 -31.88 3.12 -1.45
N PRO C 57 -31.15 2.88 -0.35
CA PRO C 57 -30.68 3.98 0.50
C PRO C 57 -29.26 4.37 0.11
N VAL C 58 -28.65 5.31 0.83
CA VAL C 58 -27.33 5.83 0.49
C VAL C 58 -26.19 5.05 1.16
N SER C 59 -26.37 4.74 2.44
CA SER C 59 -25.29 4.16 3.25
C SER C 59 -25.40 2.66 3.35
N ALA C 60 -24.26 1.98 3.46
CA ALA C 60 -24.24 0.53 3.64
C ALA C 60 -24.88 0.12 4.98
N SER C 61 -24.96 1.06 5.92
CA SER C 61 -25.58 0.79 7.21
C SER C 61 -27.08 1.08 7.24
N GLN C 62 -27.65 1.31 6.05
CA GLN C 62 -29.10 1.39 5.89
C GLN C 62 -29.65 0.16 5.13
N VAL C 63 -28.73 -0.68 4.65
CA VAL C 63 -29.08 -1.84 3.81
C VAL C 63 -29.73 -3.00 4.57
N ALA C 64 -30.92 -3.38 4.12
CA ALA C 64 -31.71 -4.47 4.71
C ALA C 64 -32.04 -4.26 6.19
N ARG C 65 -32.57 -3.08 6.50
CA ARG C 65 -32.98 -2.74 7.85
C ARG C 65 -34.44 -2.32 7.90
N ILE C 66 -35.05 -2.43 9.07
CA ILE C 66 -36.46 -2.10 9.26
C ILE C 66 -36.67 -1.26 10.51
N ARG C 67 -37.55 -0.28 10.43
CA ARG C 67 -37.97 0.46 11.61
C ARG C 67 -39.48 0.65 11.60
N GLY C 68 -40.09 0.55 12.77
CA GLY C 68 -41.52 0.73 12.88
C GLY C 68 -42.00 0.77 14.31
N LYS C 69 -43.26 1.13 14.49
CA LYS C 69 -43.90 1.09 15.80
C LYS C 69 -44.75 -0.16 15.93
N VAL C 70 -44.53 -0.91 17.00
CA VAL C 70 -45.31 -2.13 17.22
C VAL C 70 -46.80 -1.83 17.40
N PHE C 71 -47.64 -2.65 16.77
CA PHE C 71 -49.08 -2.65 17.05
C PHE C 71 -49.53 -4.06 17.41
N SER C 72 -50.68 -4.17 18.07
CA SER C 72 -51.21 -5.47 18.44
C SER C 72 -52.70 -5.52 18.15
N THR C 73 -53.15 -6.58 17.48
CA THR C 73 -54.57 -6.81 17.29
C THR C 73 -54.90 -8.21 17.79
N ALA C 74 -56.18 -8.59 17.69
CA ALA C 74 -56.61 -9.93 18.10
C ALA C 74 -55.81 -11.04 17.42
N SER C 75 -55.44 -10.81 16.16
CA SER C 75 -54.77 -11.83 15.35
C SER C 75 -53.26 -11.92 15.61
N GLY C 76 -52.67 -10.83 16.07
CA GLY C 76 -51.25 -10.82 16.36
C GLY C 76 -50.63 -9.44 16.34
N LYS C 77 -49.30 -9.41 16.25
CA LYS C 77 -48.57 -8.15 16.27
C LYS C 77 -47.99 -7.82 14.91
N GLY C 78 -47.55 -6.58 14.78
CA GLY C 78 -46.88 -6.16 13.56
C GLY C 78 -46.16 -4.84 13.79
N LEU C 79 -45.59 -4.30 12.71
CA LEU C 79 -44.98 -2.99 12.75
C LEU C 79 -45.69 -2.05 11.79
N ASN C 80 -46.04 -0.85 12.27
CA ASN C 80 -46.38 0.24 11.38
C ASN C 80 -45.08 0.91 10.97
N LEU C 81 -44.69 0.77 9.71
CA LEU C 81 -43.35 1.17 9.26
C LEU C 81 -43.10 2.68 9.21
N THR C 82 -41.85 3.08 9.47
CA THR C 82 -41.36 4.43 9.20
C THR C 82 -40.08 4.30 8.39
N GLU C 83 -39.52 5.42 7.98
CA GLU C 83 -38.15 5.41 7.45
C GLU C 83 -37.22 5.08 8.62
N LEU C 84 -35.97 4.75 8.31
CA LEU C 84 -35.03 4.29 9.33
C LEU C 84 -34.68 5.38 10.33
N ASP C 85 -34.90 6.64 9.96
CA ASP C 85 -34.68 7.76 10.88
C ASP C 85 -35.94 8.10 11.67
N GLY C 86 -36.97 7.29 11.50
CA GLY C 86 -38.22 7.49 12.24
C GLY C 86 -39.19 8.48 11.62
N THR C 87 -38.81 9.06 10.48
CA THR C 87 -39.68 10.02 9.78
C THR C 87 -40.71 9.30 8.90
N PRO C 88 -41.78 10.01 8.48
CA PRO C 88 -42.85 9.36 7.71
C PRO C 88 -42.40 8.64 6.43
N TYR C 89 -42.84 7.40 6.29
CA TYR C 89 -42.56 6.59 5.10
C TYR C 89 -43.31 7.11 3.87
N HIS C 90 -42.57 7.30 2.78
CA HIS C 90 -43.08 7.86 1.53
C HIS C 90 -43.69 6.81 0.61
N ALA C 91 -44.84 6.25 0.98
CA ALA C 91 -45.51 5.26 0.14
C ALA C 91 -45.87 5.79 -1.26
N PHE C 92 -45.97 7.11 -1.38
CA PHE C 92 -46.40 7.70 -2.65
C PHE C 92 -45.35 7.55 -3.74
N GLU C 93 -44.10 7.30 -3.33
CA GLU C 93 -43.01 7.24 -4.31
C GLU C 93 -42.06 6.03 -4.23
N SER C 94 -42.25 5.14 -3.25
CA SER C 94 -41.35 3.99 -3.10
C SER C 94 -42.12 2.73 -2.67
N PRO C 95 -41.56 1.54 -2.97
CA PRO C 95 -42.22 0.27 -2.62
C PRO C 95 -42.32 0.03 -1.12
N ALA C 96 -41.38 0.59 -0.37
CA ALA C 96 -41.27 0.37 1.06
C ALA C 96 -40.30 1.43 1.58
N PRO C 97 -40.11 1.53 2.92
CA PRO C 97 -39.13 2.52 3.39
C PRO C 97 -37.75 2.26 2.80
N LEU C 98 -36.94 3.30 2.66
CA LEU C 98 -35.59 3.13 2.12
C LEU C 98 -34.81 2.14 2.96
N GLY C 99 -34.12 1.21 2.29
CA GLY C 99 -33.36 0.18 2.98
C GLY C 99 -34.10 -1.11 3.34
N PHE C 100 -35.43 -1.09 3.26
CA PHE C 100 -36.26 -2.29 3.54
C PHE C 100 -35.71 -3.48 2.75
N PRO C 101 -35.62 -4.67 3.37
CA PRO C 101 -35.06 -5.83 2.64
C PRO C 101 -35.83 -6.18 1.37
N ASP C 102 -35.12 -6.66 0.35
CA ASP C 102 -35.73 -7.06 -0.90
C ASP C 102 -35.43 -8.51 -1.28
N ILE C 103 -35.17 -9.35 -0.27
CA ILE C 103 -34.97 -10.78 -0.51
C ILE C 103 -36.33 -11.46 -0.56
N GLY C 104 -36.82 -11.75 -1.75
CA GLY C 104 -38.18 -12.26 -1.89
C GLY C 104 -38.43 -13.72 -1.55
N ALA C 105 -39.71 -14.03 -1.32
CA ALA C 105 -40.21 -15.42 -1.22
C ALA C 105 -39.50 -16.28 -0.17
N CYS C 106 -39.39 -15.75 1.05
CA CYS C 106 -38.78 -16.48 2.15
C CYS C 106 -39.17 -15.84 3.48
N ASP C 107 -38.97 -16.58 4.55
CA ASP C 107 -39.14 -16.02 5.89
C ASP C 107 -37.94 -15.15 6.23
N TRP C 108 -38.19 -14.00 6.85
CA TRP C 108 -37.13 -13.14 7.34
C TRP C 108 -37.06 -13.23 8.86
N HIS C 109 -35.86 -13.09 9.40
CA HIS C 109 -35.68 -13.01 10.84
C HIS C 109 -34.85 -11.77 11.14
N VAL C 110 -35.51 -10.79 11.76
CA VAL C 110 -34.97 -9.44 11.92
C VAL C 110 -34.72 -9.11 13.38
N SER C 111 -33.49 -8.73 13.71
CA SER C 111 -33.12 -8.48 15.10
C SER C 111 -33.22 -6.99 15.40
N THR C 112 -34.14 -6.62 16.30
CA THR C 112 -34.43 -5.22 16.57
C THR C 112 -34.26 -4.87 18.05
N PHE C 113 -34.07 -3.59 18.34
CA PHE C 113 -34.09 -3.09 19.72
C PHE C 113 -35.03 -1.90 19.81
N LYS C 114 -35.47 -1.59 21.03
CA LYS C 114 -36.36 -0.46 21.25
C LYS C 114 -35.55 0.83 21.32
N VAL C 115 -35.88 1.75 20.43
CA VAL C 115 -35.12 2.99 20.31
C VAL C 115 -35.30 3.87 21.54
N SER C 120 -32.45 -2.39 30.06
CA SER C 120 -32.41 -3.45 31.05
C SER C 120 -32.51 -4.83 30.39
N GLY C 121 -31.90 -5.83 31.02
CA GLY C 121 -31.94 -7.19 30.49
C GLY C 121 -31.42 -7.41 29.08
N ASP C 122 -32.10 -8.27 28.34
CA ASP C 122 -31.79 -8.55 26.94
C ASP C 122 -32.63 -7.61 26.08
N PRO C 123 -31.98 -6.66 25.38
CA PRO C 123 -32.72 -5.65 24.63
C PRO C 123 -33.19 -6.12 23.26
N MET C 124 -32.76 -7.30 22.80
CA MET C 124 -33.04 -7.70 21.42
C MET C 124 -34.33 -8.49 21.28
N SER C 125 -35.05 -8.23 20.19
CA SER C 125 -36.18 -9.05 19.81
C SER C 125 -35.91 -9.59 18.43
N ARG C 126 -36.21 -10.86 18.19
CA ARG C 126 -36.13 -11.38 16.82
C ARG C 126 -37.54 -11.41 16.26
N LEU C 127 -37.78 -10.60 15.23
CA LEU C 127 -39.08 -10.52 14.57
C LEU C 127 -39.08 -11.48 13.39
N ASP C 128 -39.99 -12.44 13.41
CA ASP C 128 -40.08 -13.46 12.38
C ASP C 128 -41.20 -13.12 11.43
N VAL C 129 -40.85 -12.87 10.19
CA VAL C 129 -41.77 -12.30 9.21
C VAL C 129 -41.98 -13.28 8.05
N LYS C 130 -43.23 -13.52 7.69
CA LYS C 130 -43.54 -14.38 6.57
C LYS C 130 -44.00 -13.56 5.37
N GLN C 131 -43.55 -13.95 4.17
CA GLN C 131 -44.02 -13.30 2.96
C GLN C 131 -45.21 -14.07 2.41
N ASN C 132 -46.26 -14.14 3.22
CA ASN C 132 -47.46 -14.86 2.83
C ASN C 132 -48.45 -13.87 2.31
N ALA C 133 -49.57 -14.38 1.82
CA ALA C 133 -50.60 -13.52 1.23
C ALA C 133 -50.79 -12.12 1.86
N PRO C 134 -50.67 -11.94 3.20
CA PRO C 134 -51.05 -10.66 3.73
C PRO C 134 -49.88 -9.70 3.77
N PHE C 135 -48.71 -10.13 3.32
CA PHE C 135 -47.49 -9.36 3.49
C PHE C 135 -47.59 -8.22 2.51
N ALA C 136 -47.75 -7.00 3.03
CA ALA C 136 -48.00 -5.84 2.17
C ALA C 136 -47.33 -4.58 2.69
N PRO C 137 -45.99 -4.55 2.69
CA PRO C 137 -45.24 -3.41 3.23
C PRO C 137 -45.51 -2.07 2.54
N HIS C 138 -45.88 -2.07 1.27
CA HIS C 138 -46.14 -0.79 0.61
C HIS C 138 -47.31 -0.03 1.24
N LEU C 139 -48.23 -0.78 1.86
CA LEU C 139 -49.38 -0.18 2.56
C LEU C 139 -48.98 0.34 3.95
N GLY C 140 -47.73 0.09 4.33
CA GLY C 140 -47.16 0.68 5.54
C GLY C 140 -47.09 -0.19 6.78
N SER C 141 -47.41 -1.47 6.63
CA SER C 141 -47.31 -2.38 7.78
C SER C 141 -46.90 -3.79 7.37
N ILE C 142 -46.25 -4.47 8.31
CA ILE C 142 -46.01 -5.90 8.18
C ILE C 142 -46.39 -6.57 9.48
N GLU C 143 -46.63 -7.88 9.42
CA GLU C 143 -46.92 -8.63 10.63
C GLU C 143 -45.73 -9.51 11.01
N PHE C 144 -45.64 -9.85 12.29
CA PHE C 144 -44.56 -10.73 12.74
C PHE C 144 -45.01 -11.61 13.89
N THR C 145 -44.23 -12.66 14.15
CA THR C 145 -44.33 -13.37 15.41
C THR C 145 -42.95 -13.26 16.06
N SER C 146 -42.91 -13.35 17.38
CA SER C 146 -41.64 -13.25 18.11
C SER C 146 -41.75 -13.99 19.42
N ASP C 147 -40.67 -14.66 19.82
CA ASP C 147 -40.65 -15.32 21.12
C ASP C 147 -40.30 -14.31 22.22
N GLN C 148 -39.98 -13.09 21.82
CA GLN C 148 -39.73 -12.00 22.76
C GLN C 148 -40.97 -11.11 22.83
N ASP C 149 -40.83 -9.96 23.48
CA ASP C 149 -41.94 -9.03 23.68
C ASP C 149 -41.66 -7.61 23.20
N PRO C 150 -41.43 -7.42 21.89
CA PRO C 150 -41.15 -6.06 21.40
C PRO C 150 -42.32 -5.09 21.56
N THR C 151 -42.01 -3.85 21.95
CA THR C 151 -42.99 -2.79 22.09
C THR C 151 -42.42 -1.48 21.54
N GLY C 152 -43.29 -0.54 21.21
CA GLY C 152 -42.88 0.78 20.77
C GLY C 152 -42.07 0.84 19.48
N ASP C 153 -41.10 1.75 19.46
CA ASP C 153 -40.25 2.04 18.30
C ASP C 153 -39.12 1.03 18.16
N GLN C 154 -39.27 0.10 17.21
CA GLN C 154 -38.26 -0.94 16.99
C GLN C 154 -37.43 -0.66 15.73
N LEU C 155 -36.11 -0.73 15.88
CA LEU C 155 -35.21 -0.55 14.75
C LEU C 155 -34.28 -1.75 14.70
N GLY C 156 -34.05 -2.32 13.52
CA GLY C 156 -33.17 -3.46 13.44
C GLY C 156 -32.70 -3.87 12.06
N THR C 157 -32.06 -5.03 11.99
CA THR C 157 -31.38 -5.47 10.79
C THR C 157 -31.77 -6.93 10.48
N LEU C 158 -31.95 -7.24 9.20
CA LEU C 158 -32.17 -8.61 8.77
C LEU C 158 -30.99 -9.48 9.21
N ALA C 159 -31.29 -10.54 9.95
CA ALA C 159 -30.25 -11.40 10.52
C ALA C 159 -30.03 -12.68 9.71
N TRP C 160 -31.13 -13.31 9.28
CA TRP C 160 -31.06 -14.51 8.45
C TRP C 160 -32.39 -14.78 7.76
N VAL C 161 -32.36 -15.67 6.76
CA VAL C 161 -33.56 -16.02 6.01
C VAL C 161 -33.73 -17.53 5.96
N SER C 162 -34.98 -17.97 5.82
CA SER C 162 -35.29 -19.41 5.82
C SER C 162 -36.48 -19.66 4.89
N PRO C 163 -36.72 -20.94 4.51
CA PRO C 163 -37.79 -21.27 3.57
C PRO C 163 -39.19 -20.93 4.07
N SER C 164 -40.05 -20.52 3.14
CA SER C 164 -41.42 -20.14 3.48
C SER C 164 -42.26 -21.30 3.97
N THR C 165 -42.00 -22.48 3.41
CA THR C 165 -42.66 -23.72 3.82
C THR C 165 -41.65 -24.84 3.84
N SER C 166 -41.96 -25.89 4.59
CA SER C 166 -41.10 -27.07 4.64
C SER C 166 -40.74 -27.59 3.26
N GLY C 167 -39.47 -27.92 3.07
CA GLY C 167 -39.07 -28.49 1.80
C GLY C 167 -38.85 -27.47 0.70
N ALA C 168 -39.30 -26.24 0.90
CA ALA C 168 -39.05 -25.20 -0.08
C ALA C 168 -37.61 -24.73 0.10
N ARG C 169 -37.08 -24.01 -0.89
CA ARG C 169 -35.73 -23.48 -0.73
C ARG C 169 -35.75 -21.96 -0.88
N VAL C 170 -34.73 -21.31 -0.35
CA VAL C 170 -34.64 -19.87 -0.47
C VAL C 170 -33.93 -19.52 -1.77
N ASP C 171 -34.55 -18.65 -2.56
CA ASP C 171 -33.92 -18.14 -3.78
C ASP C 171 -33.71 -16.65 -3.61
N PRO C 172 -32.48 -16.25 -3.26
CA PRO C 172 -32.21 -14.82 -2.98
C PRO C 172 -32.19 -13.94 -4.23
N TRP C 173 -32.44 -14.53 -5.39
CA TRP C 173 -32.49 -13.77 -6.63
C TRP C 173 -33.89 -13.20 -6.87
N LYS C 174 -34.83 -13.54 -6.00
CA LYS C 174 -36.19 -13.03 -6.11
C LYS C 174 -36.41 -11.77 -5.24
N ILE C 175 -37.45 -11.01 -5.56
CA ILE C 175 -37.81 -9.84 -4.75
C ILE C 175 -39.19 -10.05 -4.14
N PRO C 176 -39.55 -9.25 -3.12
CA PRO C 176 -40.88 -9.41 -2.53
C PRO C 176 -42.00 -8.90 -3.44
N SER C 177 -43.22 -9.27 -3.09
CA SER C 177 -44.41 -8.64 -3.62
C SER C 177 -44.87 -7.62 -2.58
N TYR C 178 -44.62 -6.34 -2.86
CA TYR C 178 -44.81 -5.29 -1.85
C TYR C 178 -46.26 -4.89 -1.58
N GLY C 179 -47.15 -5.13 -2.55
CA GLY C 179 -48.55 -4.75 -2.40
C GLY C 179 -49.43 -5.85 -1.86
N SER C 180 -50.71 -5.56 -1.65
CA SER C 180 -51.63 -6.55 -1.07
C SER C 180 -52.54 -7.13 -2.13
N THR C 181 -52.68 -6.40 -3.23
CA THR C 181 -53.38 -6.85 -4.41
C THR C 181 -52.40 -6.65 -5.54
N VAL C 182 -52.65 -7.28 -6.68
CA VAL C 182 -51.77 -7.10 -7.85
C VAL C 182 -52.13 -5.89 -8.71
N THR C 183 -53.15 -5.14 -8.30
CA THR C 183 -53.55 -3.94 -9.03
C THR C 183 -52.90 -2.73 -8.39
N GLU C 184 -52.43 -2.93 -7.16
CA GLU C 184 -51.81 -1.88 -6.35
C GLU C 184 -50.47 -1.41 -6.90
N SER C 185 -50.35 -0.11 -7.10
CA SER C 185 -49.11 0.45 -7.61
C SER C 185 -48.05 0.53 -6.51
N THR C 186 -46.89 -0.07 -6.75
CA THR C 186 -45.85 -0.09 -5.72
C THR C 186 -44.56 0.66 -6.10
N HIS C 187 -44.54 1.29 -7.28
CA HIS C 187 -43.42 2.15 -7.68
C HIS C 187 -42.06 1.46 -7.75
N LEU C 188 -42.02 0.26 -8.34
CA LEU C 188 -40.80 -0.54 -8.37
C LEU C 188 -39.75 0.04 -9.29
N ALA C 189 -38.48 -0.14 -8.94
CA ALA C 189 -37.41 0.08 -9.88
C ALA C 189 -37.59 -0.95 -10.99
N PRO C 190 -37.34 -0.54 -12.24
CA PRO C 190 -37.60 -1.41 -13.39
C PRO C 190 -36.65 -2.61 -13.46
N PRO C 191 -36.99 -3.61 -14.28
CA PRO C 191 -36.10 -4.77 -14.44
C PRO C 191 -34.76 -4.38 -15.03
N ILE C 192 -33.75 -5.22 -14.81
CA ILE C 192 -32.46 -5.06 -15.47
C ILE C 192 -32.30 -6.14 -16.53
N PHE C 193 -32.30 -5.73 -17.81
CA PHE C 193 -32.17 -6.67 -18.91
C PHE C 193 -30.73 -6.79 -19.40
N PRO C 194 -30.23 -8.04 -19.52
CA PRO C 194 -28.95 -8.26 -20.21
C PRO C 194 -29.02 -7.58 -21.58
N PRO C 195 -28.05 -6.73 -21.92
CA PRO C 195 -28.26 -5.87 -23.10
C PRO C 195 -27.95 -6.51 -24.46
N GLY C 196 -27.57 -7.78 -24.49
CA GLY C 196 -27.38 -8.46 -25.77
C GLY C 196 -25.93 -8.60 -26.19
N PHE C 197 -25.72 -9.22 -27.35
CA PHE C 197 -24.40 -9.40 -27.94
C PHE C 197 -23.41 -10.11 -27.03
N GLY C 198 -23.93 -11.06 -26.26
CA GLY C 198 -23.09 -11.88 -25.41
C GLY C 198 -22.69 -11.23 -24.11
N GLU C 199 -23.18 -10.01 -23.85
CA GLU C 199 -22.89 -9.38 -22.56
C GLU C 199 -23.73 -10.03 -21.47
N ALA C 200 -23.13 -10.15 -20.29
CA ALA C 200 -23.84 -10.69 -19.14
C ALA C 200 -23.75 -9.72 -17.98
N ILE C 201 -24.82 -9.62 -17.21
CA ILE C 201 -24.85 -8.78 -16.02
C ILE C 201 -23.88 -9.32 -15.00
N VAL C 202 -23.08 -8.43 -14.42
CA VAL C 202 -22.13 -8.81 -13.38
C VAL C 202 -22.80 -8.72 -12.03
N TYR C 203 -22.75 -9.81 -11.29
CA TYR C 203 -23.40 -9.85 -10.01
C TYR C 203 -22.35 -9.93 -8.88
N PHE C 204 -22.51 -9.11 -7.85
CA PHE C 204 -21.58 -9.08 -6.72
C PHE C 204 -22.15 -9.86 -5.53
N MET C 205 -21.45 -10.93 -5.15
CA MET C 205 -22.01 -11.88 -4.19
C MET C 205 -21.42 -11.76 -2.80
N SER C 206 -22.23 -12.09 -1.80
CA SER C 206 -21.79 -12.10 -0.41
C SER C 206 -22.28 -13.34 0.31
N ASP C 207 -21.48 -13.83 1.25
CA ASP C 207 -21.94 -14.85 2.19
C ASP C 207 -23.03 -14.24 3.09
N PHE C 208 -24.04 -15.03 3.41
CA PHE C 208 -25.11 -14.59 4.31
C PHE C 208 -25.84 -15.83 4.81
N PRO C 209 -26.27 -15.83 6.09
CA PRO C 209 -26.94 -17.04 6.60
C PRO C 209 -28.30 -17.28 5.96
N ILE C 210 -28.36 -18.29 5.10
CA ILE C 210 -29.57 -18.71 4.42
C ILE C 210 -29.82 -20.15 4.80
N VAL C 211 -30.90 -20.41 5.54
CA VAL C 211 -31.25 -21.79 5.86
C VAL C 211 -31.88 -22.39 4.60
N SER C 212 -31.34 -23.55 4.21
CA SER C 212 -31.60 -24.32 2.98
C SER C 212 -30.36 -24.27 2.12
N ALA C 216 -25.56 -21.19 -0.94
CA ALA C 216 -26.07 -20.07 -1.74
C ALA C 216 -25.57 -18.73 -1.16
N GLN C 217 -25.22 -17.81 -2.06
CA GLN C 217 -24.82 -16.46 -1.67
C GLN C 217 -25.86 -15.44 -2.14
N VAL C 218 -25.81 -14.24 -1.60
CA VAL C 218 -26.74 -13.18 -1.99
C VAL C 218 -26.15 -12.28 -3.08
N PRO C 219 -26.84 -12.16 -4.22
CA PRO C 219 -26.39 -11.29 -5.30
C PRO C 219 -26.81 -9.83 -5.15
N CYS C 220 -26.03 -8.92 -5.74
CA CYS C 220 -26.49 -7.54 -5.94
C CYS C 220 -25.84 -7.01 -7.21
N THR C 221 -26.36 -5.92 -7.76
CA THR C 221 -25.89 -5.43 -9.06
C THR C 221 -25.00 -4.18 -8.98
N LEU C 222 -24.95 -3.55 -7.83
CA LEU C 222 -23.97 -2.51 -7.55
C LEU C 222 -23.51 -2.64 -6.12
N PRO C 223 -22.20 -2.55 -5.89
CA PRO C 223 -21.70 -2.45 -4.52
C PRO C 223 -22.25 -1.16 -3.91
N GLN C 224 -22.52 -1.17 -2.60
CA GLN C 224 -23.20 -0.05 -1.99
C GLN C 224 -22.42 1.26 -2.14
N GLU C 225 -21.09 1.18 -2.06
CA GLU C 225 -20.26 2.38 -2.19
C GLU C 225 -20.31 3.00 -3.59
N PHE C 226 -20.63 2.21 -4.61
CA PHE C 226 -20.85 2.74 -5.96
C PHE C 226 -22.09 3.64 -5.94
N VAL C 227 -23.13 3.19 -5.24
CA VAL C 227 -24.36 3.95 -5.11
C VAL C 227 -24.13 5.31 -4.45
N SER C 228 -23.49 5.33 -3.28
CA SER C 228 -23.24 6.62 -2.62
C SER C 228 -22.29 7.49 -3.45
N HIS C 229 -21.38 6.86 -4.18
CA HIS C 229 -20.50 7.60 -5.06
C HIS C 229 -21.28 8.36 -6.12
N PHE C 230 -22.24 7.69 -6.77
CA PHE C 230 -23.05 8.32 -7.80
C PHE C 230 -23.90 9.45 -7.21
N VAL C 231 -24.56 9.17 -6.09
CA VAL C 231 -25.38 10.18 -5.41
C VAL C 231 -24.55 11.42 -5.06
N GLU C 232 -23.35 11.17 -4.52
CA GLU C 232 -22.45 12.24 -4.09
C GLU C 232 -22.01 13.11 -5.28
N GLN C 233 -21.60 12.45 -6.36
CA GLN C 233 -21.05 13.14 -7.51
C GLN C 233 -22.06 13.95 -8.32
N GLN C 234 -23.24 13.38 -8.55
CA GLN C 234 -24.23 14.01 -9.43
C GLN C 234 -23.60 14.33 -10.78
N ALA C 235 -22.81 13.38 -11.29
CA ALA C 235 -22.04 13.58 -12.52
C ALA C 235 -22.92 13.55 -13.76
N PRO C 236 -22.64 14.43 -14.72
CA PRO C 236 -23.39 14.43 -15.97
C PRO C 236 -23.02 13.17 -16.72
N VAL C 237 -23.99 12.50 -17.32
CA VAL C 237 -23.73 11.33 -18.13
C VAL C 237 -23.38 11.79 -19.54
N ARG C 238 -22.14 11.55 -19.97
CA ARG C 238 -21.58 12.11 -21.19
C ARG C 238 -21.49 11.13 -22.35
N GLY C 239 -22.07 9.95 -22.18
CA GLY C 239 -22.05 8.92 -23.22
C GLY C 239 -23.06 7.85 -22.92
N GLU C 240 -23.16 6.86 -23.80
CA GLU C 240 -24.18 5.82 -23.68
C GLU C 240 -23.79 4.76 -22.66
N ALA C 241 -22.49 4.67 -22.38
CA ALA C 241 -21.97 3.71 -21.41
C ALA C 241 -20.59 4.14 -20.96
N ALA C 242 -20.17 3.67 -19.80
CA ALA C 242 -18.84 3.98 -19.28
C ALA C 242 -17.97 2.72 -19.26
N LEU C 243 -16.89 2.76 -20.02
CA LEU C 243 -15.91 1.68 -20.03
C LEU C 243 -15.08 1.71 -18.75
N LEU C 244 -15.05 0.59 -18.04
CA LEU C 244 -14.22 0.44 -16.84
C LEU C 244 -13.15 -0.60 -17.06
N HIS C 245 -12.00 -0.41 -16.43
CA HIS C 245 -10.99 -1.47 -16.30
C HIS C 245 -11.00 -1.98 -14.85
N TYR C 246 -10.85 -3.29 -14.69
CA TYR C 246 -10.68 -3.89 -13.36
C TYR C 246 -9.18 -4.13 -13.15
N VAL C 247 -8.57 -3.35 -12.26
CA VAL C 247 -7.11 -3.31 -12.15
C VAL C 247 -6.59 -3.95 -10.87
N ASP C 248 -5.57 -4.79 -11.00
CA ASP C 248 -4.89 -5.33 -9.83
C ASP C 248 -4.18 -4.17 -9.14
N PRO C 249 -4.53 -3.90 -7.87
CA PRO C 249 -3.93 -2.75 -7.17
C PRO C 249 -2.47 -2.94 -6.78
N ASP C 250 -1.97 -4.18 -6.84
CA ASP C 250 -0.60 -4.44 -6.44
C ASP C 250 0.37 -4.48 -7.63
N THR C 251 -0.10 -4.96 -8.77
CA THR C 251 0.74 -5.05 -9.96
C THR C 251 0.33 -4.03 -11.03
N HIS C 252 -0.83 -3.41 -10.84
CA HIS C 252 -1.35 -2.37 -11.74
C HIS C 252 -1.70 -2.91 -13.13
N ARG C 253 -1.87 -4.22 -13.23
CA ARG C 253 -2.24 -4.81 -14.50
C ARG C 253 -3.76 -4.79 -14.70
N ASN C 254 -4.17 -4.51 -15.93
CA ASN C 254 -5.57 -4.58 -16.31
C ASN C 254 -6.02 -6.03 -16.34
N LEU C 255 -6.99 -6.37 -15.49
CA LEU C 255 -7.49 -7.74 -15.41
C LEU C 255 -8.71 -7.97 -16.29
N GLY C 256 -9.29 -6.91 -16.85
CA GLY C 256 -10.43 -7.05 -17.74
C GLY C 256 -11.30 -5.82 -17.93
N GLU C 257 -12.06 -5.83 -19.03
CA GLU C 257 -12.96 -4.73 -19.40
C GLU C 257 -14.37 -4.98 -18.92
N PHE C 258 -15.03 -3.91 -18.47
CA PHE C 258 -16.42 -3.97 -18.02
C PHE C 258 -17.14 -2.72 -18.53
N LYS C 259 -18.46 -2.81 -18.70
CA LYS C 259 -19.26 -1.65 -19.07
C LYS C 259 -20.24 -1.27 -17.97
N LEU C 260 -20.28 0.02 -17.64
CA LEU C 260 -21.21 0.56 -16.64
C LEU C 260 -22.25 1.39 -17.37
N TYR C 261 -23.51 0.97 -17.29
CA TYR C 261 -24.59 1.61 -18.03
C TYR C 261 -25.27 2.70 -17.21
N PRO C 262 -25.79 3.75 -17.87
CA PRO C 262 -26.46 4.89 -17.21
C PRO C 262 -27.54 4.45 -16.22
N ASP C 263 -28.25 3.36 -16.52
CA ASP C 263 -29.33 2.89 -15.64
C ASP C 263 -28.81 2.28 -14.33
N GLY C 264 -27.50 2.06 -14.24
CA GLY C 264 -26.88 1.66 -12.99
C GLY C 264 -26.67 0.16 -12.81
N PHE C 265 -25.97 -0.45 -13.77
CA PHE C 265 -25.57 -1.84 -13.65
C PHE C 265 -24.31 -2.07 -14.49
N ILE C 266 -23.66 -3.21 -14.28
CA ILE C 266 -22.36 -3.48 -14.88
C ILE C 266 -22.41 -4.79 -15.64
N THR C 267 -21.79 -4.81 -16.82
CA THR C 267 -21.72 -6.03 -17.61
C THR C 267 -20.28 -6.36 -18.03
N CYS C 268 -20.10 -7.60 -18.47
CA CYS C 268 -18.85 -8.04 -19.09
C CYS C 268 -19.23 -9.02 -20.17
N VAL C 269 -18.25 -9.45 -20.96
CA VAL C 269 -18.44 -10.62 -21.80
C VAL C 269 -17.64 -11.76 -21.17
N PRO C 270 -18.34 -12.72 -20.57
CA PRO C 270 -17.63 -13.80 -19.86
C PRO C 270 -16.97 -14.76 -20.84
N ASN C 271 -15.75 -15.19 -20.55
CA ASN C 271 -15.13 -16.23 -21.35
C ASN C 271 -16.00 -17.48 -21.25
N THR C 272 -16.14 -18.20 -22.35
CA THR C 272 -16.94 -19.42 -22.37
C THR C 272 -16.36 -20.39 -21.35
N GLY C 273 -17.21 -20.95 -20.50
CA GLY C 273 -16.74 -21.84 -19.45
C GLY C 273 -16.20 -21.11 -18.23
N GLY C 274 -16.18 -19.78 -18.30
CA GLY C 274 -15.64 -18.98 -17.21
C GLY C 274 -16.40 -17.69 -16.96
N GLY C 275 -15.66 -16.64 -16.63
CA GLY C 275 -16.25 -15.35 -16.38
C GLY C 275 -15.57 -14.64 -15.23
N PRO C 276 -16.20 -13.56 -14.72
CA PRO C 276 -15.60 -12.73 -13.67
C PRO C 276 -15.40 -13.49 -12.35
N GLN C 277 -16.08 -14.62 -12.18
CA GLN C 277 -15.87 -15.47 -11.02
C GLN C 277 -14.45 -16.06 -10.95
N ASN C 278 -13.75 -16.07 -12.09
CA ASN C 278 -12.39 -16.58 -12.12
C ASN C 278 -11.35 -15.49 -11.89
N LEU C 279 -11.80 -14.26 -11.71
CA LEU C 279 -10.91 -13.14 -11.43
C LEU C 279 -10.61 -13.00 -9.95
N PRO C 280 -9.44 -12.39 -9.62
CA PRO C 280 -9.13 -12.06 -8.22
C PRO C 280 -10.20 -11.11 -7.67
N THR C 281 -10.44 -11.18 -6.37
CA THR C 281 -11.50 -10.42 -5.77
C THR C 281 -11.02 -9.11 -5.13
N ASN C 282 -9.75 -8.77 -5.36
CA ASN C 282 -9.16 -7.58 -4.76
C ASN C 282 -8.84 -6.47 -5.77
N GLY C 283 -9.42 -6.58 -6.96
CA GLY C 283 -9.20 -5.58 -8.00
C GLY C 283 -9.95 -4.28 -7.77
N VAL C 284 -9.53 -3.25 -8.48
CA VAL C 284 -10.13 -1.92 -8.36
C VAL C 284 -10.71 -1.50 -9.71
N PHE C 285 -11.99 -1.11 -9.73
CA PHE C 285 -12.60 -0.60 -10.94
C PHE C 285 -12.14 0.83 -11.21
N VAL C 286 -11.80 1.11 -12.46
CA VAL C 286 -11.29 2.41 -12.85
C VAL C 286 -11.98 2.90 -14.13
N PHE C 287 -12.56 4.10 -14.07
CA PHE C 287 -13.17 4.69 -15.26
C PHE C 287 -12.13 4.92 -16.33
N SER C 288 -12.43 4.48 -17.56
CA SER C 288 -11.49 4.64 -18.66
C SER C 288 -11.98 5.68 -19.66
N SER C 289 -13.22 5.54 -20.11
CA SER C 289 -13.75 6.41 -21.16
C SER C 289 -15.25 6.28 -21.32
N TRP C 290 -15.90 7.33 -21.79
CA TRP C 290 -17.29 7.22 -22.23
C TRP C 290 -17.28 6.52 -23.58
N VAL C 291 -18.22 5.60 -23.78
CA VAL C 291 -18.26 4.83 -25.01
C VAL C 291 -19.69 4.60 -25.49
N SER C 292 -19.76 4.12 -26.71
CA SER C 292 -21.03 3.77 -27.32
C SER C 292 -21.66 2.59 -26.59
N ARG C 293 -22.98 2.56 -26.66
CA ARG C 293 -23.77 1.48 -26.10
C ARG C 293 -23.29 0.12 -26.60
N TYR C 294 -22.73 0.09 -27.80
CA TYR C 294 -22.35 -1.16 -28.45
C TYR C 294 -20.84 -1.39 -28.49
N TYR C 295 -20.11 -0.67 -27.65
CA TYR C 295 -18.68 -0.92 -27.49
C TYR C 295 -18.48 -2.41 -27.20
N GLN C 296 -17.61 -3.02 -28.00
CA GLN C 296 -17.40 -4.47 -28.00
C GLN C 296 -16.30 -4.84 -27.02
N LEU C 297 -16.67 -5.51 -25.92
CA LEU C 297 -15.74 -5.86 -24.86
C LEU C 297 -14.91 -7.10 -25.19
N LYS C 298 -13.68 -7.16 -24.67
CA LYS C 298 -12.90 -8.39 -24.70
C LYS C 298 -13.37 -9.36 -23.61
N PRO C 299 -13.57 -10.64 -23.96
CA PRO C 299 -14.03 -11.64 -22.99
C PRO C 299 -13.15 -11.72 -21.75
N VAL C 300 -13.76 -11.94 -20.58
CA VAL C 300 -13.04 -11.85 -19.32
C VAL C 300 -13.05 -13.17 -18.55
N GLY C 301 -11.99 -13.42 -17.78
CA GLY C 301 -11.90 -14.60 -16.96
C GLY C 301 -11.53 -15.85 -17.74
N GLN D 6 -7.81 19.54 -4.95
CA GLN D 6 -8.31 20.21 -3.76
C GLN D 6 -9.06 19.24 -2.85
N LEU D 7 -8.95 19.45 -1.55
CA LEU D 7 -9.62 18.60 -0.59
C LEU D 7 -11.13 18.77 -0.69
N THR D 8 -11.85 17.65 -0.61
CA THR D 8 -13.30 17.68 -0.49
C THR D 8 -13.74 16.75 0.63
N VAL D 9 -14.97 16.97 1.09
CA VAL D 9 -15.61 16.05 2.02
C VAL D 9 -16.87 15.56 1.31
N PRO D 10 -17.40 14.40 1.70
CA PRO D 10 -18.58 13.81 1.05
C PRO D 10 -19.76 14.78 0.93
N ASN D 11 -20.28 14.89 -0.28
CA ASN D 11 -21.51 15.64 -0.51
C ASN D 11 -22.70 14.76 -0.13
N ILE D 12 -22.83 14.50 1.16
CA ILE D 12 -23.86 13.61 1.70
C ILE D 12 -24.39 14.22 3.00
N PRO D 13 -25.72 14.31 3.14
CA PRO D 13 -26.29 14.87 4.38
C PRO D 13 -25.93 14.00 5.58
N LEU D 14 -25.82 14.63 6.74
CA LEU D 14 -25.41 13.94 7.97
C LEU D 14 -26.26 12.71 8.26
N ASN D 15 -27.57 12.79 8.00
CA ASN D 15 -28.47 11.68 8.30
C ASN D 15 -28.28 10.47 7.39
N ASN D 16 -27.52 10.63 6.32
CA ASN D 16 -27.20 9.51 5.45
C ASN D 16 -25.75 9.03 5.64
N LEU D 17 -25.12 9.45 6.73
CA LEU D 17 -23.76 9.03 7.06
C LEU D 17 -23.77 8.01 8.20
N ALA D 18 -22.88 7.02 8.11
CA ALA D 18 -22.83 5.93 9.08
C ALA D 18 -21.85 6.20 10.21
N ASN D 19 -22.18 5.68 11.40
CA ASN D 19 -21.25 5.69 12.53
C ASN D 19 -20.04 4.83 12.19
N SER D 20 -18.86 5.22 12.67
CA SER D 20 -17.65 4.49 12.37
C SER D 20 -17.23 3.54 13.51
N ARG D 21 -18.06 3.45 14.55
CA ARG D 21 -17.76 2.60 15.70
C ARG D 21 -18.84 1.54 15.97
N VAL D 22 -20.06 1.79 15.49
CA VAL D 22 -21.13 0.79 15.54
C VAL D 22 -21.89 0.80 14.20
N PRO D 23 -22.49 -0.34 13.83
CA PRO D 23 -23.25 -0.38 12.58
C PRO D 23 -24.59 0.31 12.76
N ALA D 24 -24.60 1.61 12.52
CA ALA D 24 -25.78 2.44 12.74
C ALA D 24 -25.60 3.76 11.99
N MET D 25 -26.70 4.48 11.81
CA MET D 25 -26.63 5.78 11.16
C MET D 25 -26.48 6.88 12.20
N ILE D 26 -25.81 7.96 11.80
CA ILE D 26 -25.67 9.13 12.64
C ILE D 26 -27.00 9.86 12.72
N ASN D 27 -27.41 10.20 13.93
CA ASN D 27 -28.64 10.97 14.05
C ASN D 27 -28.49 12.31 14.74
N LYS D 28 -27.28 12.62 15.22
CA LYS D 28 -27.00 13.96 15.73
C LYS D 28 -25.53 14.20 16.03
N MET D 29 -25.18 15.49 16.14
CA MET D 29 -23.85 15.89 16.58
C MET D 29 -23.97 16.39 18.00
N THR D 30 -22.90 16.27 18.78
CA THR D 30 -22.87 16.89 20.08
C THR D 30 -21.43 17.17 20.48
N VAL D 31 -21.25 17.86 21.61
CA VAL D 31 -19.93 18.08 22.17
C VAL D 31 -19.92 17.41 23.53
N SER D 32 -18.73 17.08 24.02
CA SER D 32 -18.63 16.40 25.31
C SER D 32 -18.96 17.37 26.45
N THR D 33 -19.52 16.83 27.54
CA THR D 33 -19.89 17.63 28.70
C THR D 33 -18.69 18.39 29.23
N ASP D 34 -17.59 17.68 29.39
CA ASP D 34 -16.29 18.27 29.67
C ASP D 34 -15.63 18.50 28.32
N GLN D 35 -15.51 19.76 27.91
CA GLN D 35 -15.01 20.05 26.58
C GLN D 35 -13.50 19.86 26.45
N ASN D 36 -12.86 19.47 27.55
CA ASN D 36 -11.46 19.07 27.54
C ASN D 36 -11.25 17.56 27.50
N GLN D 37 -12.33 16.81 27.45
CA GLN D 37 -12.24 15.35 27.48
C GLN D 37 -11.41 14.78 26.33
N VAL D 38 -10.45 13.93 26.67
CA VAL D 38 -9.60 13.27 25.69
C VAL D 38 -10.20 11.94 25.27
N VAL D 39 -10.23 11.66 23.97
CA VAL D 39 -10.68 10.36 23.48
C VAL D 39 -9.55 9.66 22.73
N GLN D 40 -9.66 8.33 22.60
CA GLN D 40 -8.67 7.55 21.86
C GLN D 40 -9.34 6.41 21.09
N PHE D 41 -10.43 6.72 20.40
CA PHE D 41 -11.15 5.73 19.60
C PHE D 41 -10.18 5.05 18.62
N GLN D 42 -10.36 3.75 18.41
CA GLN D 42 -9.50 3.02 17.48
C GLN D 42 -10.15 2.82 16.12
N ASN D 43 -11.46 2.98 16.06
CA ASN D 43 -12.18 2.99 14.79
C ASN D 43 -12.61 4.40 14.44
N GLY D 44 -12.87 4.66 13.16
CA GLY D 44 -13.20 6.00 12.72
C GLY D 44 -12.01 6.93 12.65
N ARG D 45 -10.81 6.35 12.60
CA ARG D 45 -9.57 7.11 12.62
C ARG D 45 -8.89 7.07 11.26
N CYS D 46 -8.64 8.24 10.69
CA CYS D 46 -8.03 8.36 9.38
C CYS D 46 -7.55 9.80 9.19
N THR D 47 -6.33 9.98 8.71
CA THR D 47 -5.82 11.32 8.43
C THR D 47 -6.47 11.88 7.17
N LEU D 48 -6.43 13.19 7.00
CA LEU D 48 -7.03 13.82 5.83
C LEU D 48 -6.40 13.30 4.54
N GLU D 49 -5.13 12.89 4.62
CA GLU D 49 -4.42 12.38 3.46
C GLU D 49 -4.76 10.93 3.16
N GLY D 50 -5.58 10.33 4.01
CA GLY D 50 -6.09 9.00 3.75
C GLY D 50 -5.30 7.87 4.38
N GLN D 51 -4.59 8.17 5.45
CA GLN D 51 -3.90 7.13 6.21
C GLN D 51 -4.80 6.56 7.30
N LEU D 52 -5.19 5.30 7.15
CA LEU D 52 -5.99 4.61 8.17
C LEU D 52 -5.18 4.41 9.45
N LEU D 53 -5.83 4.57 10.59
CA LEU D 53 -5.18 4.41 11.88
C LEU D 53 -5.95 3.40 12.73
N GLY D 54 -5.28 2.80 13.71
CA GLY D 54 -5.92 1.88 14.62
C GLY D 54 -6.47 0.65 13.91
N THR D 55 -7.73 0.31 14.19
CA THR D 55 -8.35 -0.86 13.59
C THR D 55 -9.35 -0.45 12.51
N THR D 56 -9.35 0.83 12.18
CA THR D 56 -10.32 1.41 11.24
C THR D 56 -10.35 0.71 9.88
N PRO D 57 -11.51 0.17 9.49
CA PRO D 57 -11.67 -0.41 8.16
C PRO D 57 -12.19 0.64 7.18
N VAL D 58 -12.39 0.24 5.93
CA VAL D 58 -12.84 1.17 4.88
C VAL D 58 -14.37 1.26 4.79
N SER D 59 -15.04 0.12 4.90
CA SER D 59 -16.49 0.07 4.66
C SER D 59 -17.33 0.12 5.93
N ALA D 60 -18.50 0.74 5.85
CA ALA D 60 -19.42 0.75 6.98
C ALA D 60 -19.85 -0.66 7.38
N SER D 61 -19.84 -1.60 6.44
CA SER D 61 -20.24 -2.97 6.75
C SER D 61 -19.10 -3.84 7.29
N GLN D 62 -17.96 -3.20 7.59
CA GLN D 62 -16.86 -3.84 8.31
C GLN D 62 -16.78 -3.34 9.76
N VAL D 63 -17.59 -2.33 10.09
CA VAL D 63 -17.52 -1.68 11.40
C VAL D 63 -18.09 -2.54 12.54
N ALA D 64 -17.26 -2.80 13.55
CA ALA D 64 -17.66 -3.58 14.74
C ALA D 64 -18.09 -5.00 14.38
N ARG D 65 -17.30 -5.65 13.53
CA ARG D 65 -17.51 -7.05 13.16
C ARG D 65 -16.36 -7.90 13.69
N ILE D 66 -16.61 -9.20 13.88
CA ILE D 66 -15.60 -10.13 14.37
C ILE D 66 -15.67 -11.42 13.57
N ARG D 67 -14.50 -11.99 13.25
CA ARG D 67 -14.42 -13.31 12.62
C ARG D 67 -13.30 -14.13 13.24
N GLY D 68 -13.52 -15.43 13.39
CA GLY D 68 -12.49 -16.31 13.92
C GLY D 68 -12.90 -17.77 13.90
N LYS D 69 -11.93 -18.64 14.19
CA LYS D 69 -12.19 -20.07 14.27
C LYS D 69 -12.44 -20.44 15.73
N VAL D 70 -13.58 -21.09 16.00
CA VAL D 70 -13.89 -21.52 17.35
C VAL D 70 -12.88 -22.52 17.89
N PHE D 71 -12.51 -22.21 19.07
CA PHE D 71 -11.83 -23.25 19.81
C PHE D 71 -12.65 -23.56 21.07
N SER D 72 -12.66 -24.82 21.42
CA SER D 72 -13.52 -25.38 22.46
C SER D 72 -12.91 -26.64 23.02
N THR D 73 -12.31 -26.49 24.19
CA THR D 73 -11.61 -27.59 24.80
C THR D 73 -12.03 -27.68 26.25
N ALA D 74 -11.42 -28.61 26.95
CA ALA D 74 -11.70 -28.83 28.35
C ALA D 74 -11.23 -27.66 29.22
N SER D 75 -10.49 -26.73 28.63
CA SER D 75 -9.99 -25.57 29.37
C SER D 75 -10.82 -24.31 29.16
N GLY D 76 -11.30 -24.12 27.94
CA GLY D 76 -12.02 -22.92 27.60
C GLY D 76 -12.74 -23.00 26.24
N LYS D 77 -13.45 -21.92 25.91
CA LYS D 77 -14.12 -21.70 24.62
C LYS D 77 -13.81 -20.28 24.11
N GLY D 78 -13.49 -20.15 22.84
CA GLY D 78 -13.21 -18.84 22.31
C GLY D 78 -13.00 -18.79 20.81
N LEU D 79 -12.47 -17.66 20.34
CA LEU D 79 -12.18 -17.50 18.92
C LEU D 79 -10.70 -17.24 18.71
N ASN D 80 -10.10 -18.00 17.81
CA ASN D 80 -8.80 -17.63 17.27
C ASN D 80 -9.08 -16.70 16.09
N LEU D 81 -8.91 -15.41 16.32
CA LEU D 81 -9.33 -14.37 15.37
C LEU D 81 -8.67 -14.45 14.01
N THR D 82 -9.44 -14.10 12.99
CA THR D 82 -8.89 -13.83 11.66
C THR D 82 -9.34 -12.43 11.23
N GLU D 83 -8.86 -11.97 10.07
CA GLU D 83 -9.44 -10.77 9.48
C GLU D 83 -10.84 -11.13 9.00
N LEU D 84 -11.63 -10.10 8.68
CA LEU D 84 -13.04 -10.32 8.34
C LEU D 84 -13.26 -11.10 7.04
N ASP D 85 -12.23 -11.16 6.20
CA ASP D 85 -12.32 -11.97 4.98
C ASP D 85 -11.82 -13.41 5.20
N GLY D 86 -11.46 -13.72 6.44
CA GLY D 86 -11.02 -15.06 6.78
C GLY D 86 -9.53 -15.27 6.67
N THR D 87 -8.82 -14.27 6.15
CA THR D 87 -7.37 -14.34 6.02
C THR D 87 -6.70 -14.14 7.39
N PRO D 88 -5.49 -14.70 7.57
CA PRO D 88 -4.84 -14.69 8.89
C PRO D 88 -4.67 -13.30 9.50
N TYR D 89 -4.93 -13.19 10.80
CA TYR D 89 -4.59 -12.00 11.56
C TYR D 89 -3.18 -12.16 12.10
N HIS D 90 -2.36 -11.14 11.88
CA HIS D 90 -0.97 -11.15 12.37
C HIS D 90 -0.80 -10.15 13.52
N ALA D 91 -0.26 -10.60 14.64
CA ALA D 91 0.00 -9.72 15.78
C ALA D 91 1.16 -8.77 15.51
N SER D 94 -1.29 -4.08 14.50
CA SER D 94 -2.53 -3.40 14.80
C SER D 94 -3.02 -3.85 16.16
N PRO D 95 -3.93 -3.08 16.78
CA PRO D 95 -4.47 -3.49 18.07
C PRO D 95 -5.28 -4.79 17.99
N ALA D 96 -5.83 -5.06 16.80
CA ALA D 96 -6.77 -6.16 16.60
C ALA D 96 -7.05 -6.26 15.11
N PRO D 97 -7.81 -7.29 14.67
CA PRO D 97 -8.16 -7.30 13.23
C PRO D 97 -8.91 -6.02 12.83
N LEU D 98 -8.84 -5.65 11.55
CA LEU D 98 -9.57 -4.48 11.06
C LEU D 98 -11.09 -4.63 11.29
N GLY D 99 -11.70 -3.54 11.75
CA GLY D 99 -13.13 -3.54 12.03
C GLY D 99 -13.51 -4.07 13.40
N PHE D 100 -12.57 -4.67 14.12
CA PHE D 100 -12.83 -5.16 15.48
C PHE D 100 -13.43 -4.05 16.36
N PRO D 101 -14.46 -4.38 17.16
CA PRO D 101 -15.12 -3.34 17.98
C PRO D 101 -14.17 -2.64 18.95
N ASP D 102 -14.41 -1.36 19.20
CA ASP D 102 -13.59 -0.59 20.14
C ASP D 102 -14.42 0.04 21.26
N ILE D 103 -15.53 -0.60 21.62
CA ILE D 103 -16.33 -0.12 22.74
C ILE D 103 -15.77 -0.74 24.03
N GLY D 104 -15.01 0.06 24.79
CA GLY D 104 -14.29 -0.47 25.93
C GLY D 104 -15.08 -0.72 27.20
N ALA D 105 -14.50 -1.55 28.06
CA ALA D 105 -14.96 -1.73 29.44
C ALA D 105 -16.44 -2.09 29.56
N CYS D 106 -16.85 -3.10 28.80
CA CYS D 106 -18.22 -3.61 28.89
C CYS D 106 -18.24 -5.03 28.32
N ASP D 107 -19.31 -5.78 28.60
CA ASP D 107 -19.53 -7.06 27.92
C ASP D 107 -20.05 -6.82 26.50
N TRP D 108 -19.64 -7.68 25.57
CA TRP D 108 -20.14 -7.64 24.21
C TRP D 108 -21.00 -8.85 23.94
N HIS D 109 -22.00 -8.66 23.10
CA HIS D 109 -22.84 -9.75 22.65
C HIS D 109 -22.86 -9.72 21.15
N VAL D 110 -22.23 -10.74 20.56
CA VAL D 110 -21.94 -10.73 19.13
C VAL D 110 -22.71 -11.84 18.44
N SER D 111 -23.48 -11.48 17.43
CA SER D 111 -24.30 -12.47 16.71
C SER D 111 -23.53 -12.97 15.49
N THR D 112 -23.22 -14.26 15.48
CA THR D 112 -22.41 -14.85 14.40
C THR D 112 -23.11 -16.01 13.70
N PHE D 113 -22.65 -16.33 12.49
CA PHE D 113 -23.07 -17.55 11.80
C PHE D 113 -21.86 -18.30 11.29
N LYS D 114 -22.06 -19.59 11.00
CA LYS D 114 -20.99 -20.39 10.45
C LYS D 114 -20.90 -20.18 8.94
N VAL D 115 -19.77 -19.65 8.49
CA VAL D 115 -19.63 -19.18 7.12
C VAL D 115 -19.77 -20.26 6.04
N ASP D 116 -19.11 -21.40 6.24
CA ASP D 116 -19.10 -22.42 5.21
C ASP D 116 -19.99 -23.60 5.54
N GLN D 117 -21.19 -23.31 6.00
CA GLN D 117 -22.02 -24.40 6.45
C GLN D 117 -23.35 -24.46 5.74
N ASN D 118 -23.77 -25.69 5.43
CA ASN D 118 -25.11 -25.91 4.99
C ASN D 118 -25.96 -25.77 6.23
N LEU D 119 -26.55 -24.60 6.36
CA LEU D 119 -27.15 -24.17 7.61
C LEU D 119 -28.53 -24.79 7.72
N SER D 120 -28.90 -25.15 8.95
CA SER D 120 -30.19 -25.75 9.21
C SER D 120 -30.62 -25.33 10.59
N GLY D 121 -31.92 -25.20 10.80
CA GLY D 121 -32.40 -24.75 12.09
C GLY D 121 -32.18 -23.27 12.28
N ASP D 122 -31.80 -22.88 13.49
CA ASP D 122 -31.44 -21.51 13.79
C ASP D 122 -29.94 -21.42 13.57
N PRO D 123 -29.52 -20.62 12.58
CA PRO D 123 -28.11 -20.54 12.20
C PRO D 123 -27.28 -19.62 13.10
N MET D 124 -27.94 -18.80 13.91
CA MET D 124 -27.22 -17.79 14.68
C MET D 124 -26.73 -18.29 16.03
N SER D 125 -25.56 -17.82 16.43
CA SER D 125 -25.04 -18.02 17.77
C SER D 125 -24.81 -16.64 18.36
N ARG D 126 -25.14 -16.47 19.63
CA ARG D 126 -24.80 -15.22 20.28
C ARG D 126 -23.58 -15.49 21.16
N LEU D 127 -22.48 -14.80 20.88
CA LEU D 127 -21.27 -14.98 21.65
C LEU D 127 -21.21 -13.88 22.71
N ASP D 128 -21.14 -14.31 23.96
CA ASP D 128 -21.12 -13.39 25.09
C ASP D 128 -19.67 -13.23 25.57
N VAL D 129 -19.16 -12.01 25.40
CA VAL D 129 -17.73 -11.76 25.53
C VAL D 129 -17.45 -10.78 26.67
N LYS D 130 -16.58 -11.17 27.59
CA LYS D 130 -16.16 -10.26 28.65
C LYS D 130 -14.78 -9.68 28.35
N GLN D 131 -14.56 -8.42 28.74
CA GLN D 131 -13.24 -7.81 28.62
C GLN D 131 -12.41 -8.01 29.90
N ASN D 132 -12.27 -9.26 30.33
CA ASN D 132 -11.40 -9.60 31.46
C ASN D 132 -10.12 -10.27 30.97
N ALA D 133 -9.51 -11.16 31.75
CA ALA D 133 -8.15 -11.59 31.42
C ALA D 133 -7.93 -12.28 30.06
N PRO D 134 -8.81 -13.22 29.66
CA PRO D 134 -8.57 -13.85 28.35
C PRO D 134 -8.91 -12.96 27.14
N PHE D 135 -9.37 -11.74 27.38
CA PHE D 135 -9.65 -10.83 26.28
C PHE D 135 -8.32 -10.28 25.76
N ALA D 136 -7.75 -10.94 24.77
CA ALA D 136 -6.43 -10.53 24.25
C ALA D 136 -6.43 -10.47 22.73
N PRO D 137 -7.25 -9.59 22.15
CA PRO D 137 -7.37 -9.53 20.69
C PRO D 137 -6.06 -9.18 19.98
N HIS D 138 -5.19 -8.37 20.60
CA HIS D 138 -3.89 -8.08 19.99
C HIS D 138 -3.09 -9.35 19.76
N LEU D 139 -3.23 -10.30 20.68
CA LEU D 139 -2.50 -11.54 20.58
C LEU D 139 -3.27 -12.55 19.72
N GLY D 140 -4.50 -12.21 19.38
CA GLY D 140 -5.25 -12.99 18.40
C GLY D 140 -6.35 -13.92 18.91
N SER D 141 -6.70 -13.81 20.19
CA SER D 141 -7.83 -14.61 20.69
C SER D 141 -8.67 -13.92 21.73
N ILE D 142 -9.96 -14.25 21.74
CA ILE D 142 -10.86 -13.84 22.81
C ILE D 142 -11.65 -15.06 23.24
N GLU D 143 -12.17 -15.04 24.45
CA GLU D 143 -13.02 -16.14 24.91
C GLU D 143 -14.48 -15.69 24.95
N PHE D 144 -15.40 -16.66 24.93
CA PHE D 144 -16.83 -16.36 25.01
C PHE D 144 -17.58 -17.46 25.72
N THR D 145 -18.77 -17.14 26.22
CA THR D 145 -19.74 -18.16 26.57
C THR D 145 -20.89 -17.99 25.59
N SER D 146 -21.66 -19.06 25.41
CA SER D 146 -22.82 -19.02 24.51
C SER D 146 -23.82 -20.09 24.90
N ASP D 147 -25.10 -19.78 24.75
CA ASP D 147 -26.16 -20.77 24.97
C ASP D 147 -26.32 -21.67 23.76
N GLN D 148 -25.71 -21.28 22.64
CA GLN D 148 -25.72 -22.10 21.44
C GLN D 148 -24.40 -22.87 21.36
N ASP D 149 -24.20 -23.60 20.27
CA ASP D 149 -23.00 -24.42 20.10
C ASP D 149 -22.25 -24.11 18.81
N PRO D 150 -21.68 -22.90 18.69
CA PRO D 150 -20.96 -22.56 17.45
C PRO D 150 -19.69 -23.40 17.26
N THR D 151 -19.40 -23.75 16.01
CA THR D 151 -18.14 -24.42 15.67
C THR D 151 -17.55 -23.78 14.42
N GLY D 152 -16.26 -24.04 14.18
CA GLY D 152 -15.61 -23.61 12.96
C GLY D 152 -15.49 -22.12 12.76
N ASP D 153 -15.59 -21.70 11.50
CA ASP D 153 -15.40 -20.32 11.06
C ASP D 153 -16.65 -19.49 11.32
N GLN D 154 -16.63 -18.66 12.36
CA GLN D 154 -17.76 -17.81 12.71
C GLN D 154 -17.51 -16.36 12.30
N LEU D 155 -18.51 -15.75 11.67
CA LEU D 155 -18.47 -14.34 11.28
C LEU D 155 -19.70 -13.63 11.85
N GLY D 156 -19.50 -12.48 12.48
CA GLY D 156 -20.60 -11.80 13.14
C GLY D 156 -20.42 -10.32 13.39
N THR D 157 -21.45 -9.73 14.01
CA THR D 157 -21.52 -8.28 14.25
C THR D 157 -21.89 -8.01 15.70
N LEU D 158 -21.28 -6.99 16.29
CA LEU D 158 -21.66 -6.55 17.63
C LEU D 158 -23.15 -6.18 17.63
N ALA D 159 -23.93 -6.87 18.46
CA ALA D 159 -25.37 -6.66 18.51
C ALA D 159 -25.80 -5.74 19.65
N TRP D 160 -25.20 -5.93 20.83
CA TRP D 160 -25.45 -5.04 21.96
C TRP D 160 -24.36 -5.17 23.01
N VAL D 161 -24.33 -4.20 23.93
CA VAL D 161 -23.34 -4.23 24.99
C VAL D 161 -24.02 -4.06 26.35
N SER D 162 -23.33 -4.47 27.42
CA SER D 162 -23.89 -4.38 28.76
C SER D 162 -22.76 -4.13 29.76
N PRO D 163 -23.08 -4.04 31.05
CA PRO D 163 -22.01 -3.80 32.02
C PRO D 163 -21.14 -5.02 32.28
N SER D 164 -19.86 -4.78 32.53
CA SER D 164 -18.92 -5.83 32.86
C SER D 164 -19.29 -6.52 34.17
N THR D 165 -19.78 -5.73 35.12
CA THR D 165 -20.21 -6.23 36.41
C THR D 165 -21.60 -5.71 36.71
N SER D 166 -22.30 -6.41 37.61
CA SER D 166 -23.70 -6.16 37.92
C SER D 166 -24.16 -4.70 38.10
N GLY D 167 -23.40 -3.90 38.82
CA GLY D 167 -23.84 -2.54 39.07
C GLY D 167 -23.15 -1.48 38.21
N ALA D 168 -22.29 -1.93 37.32
CA ALA D 168 -21.48 -1.00 36.53
C ALA D 168 -22.32 -0.32 35.45
N ARG D 169 -21.78 0.75 34.88
CA ARG D 169 -22.47 1.41 33.78
C ARG D 169 -21.58 1.27 32.56
N VAL D 170 -22.18 1.22 31.38
CA VAL D 170 -21.40 1.18 30.15
C VAL D 170 -21.08 2.61 29.73
N ASP D 171 -19.80 2.90 29.51
CA ASP D 171 -19.37 4.20 29.00
C ASP D 171 -18.78 3.95 27.62
N PRO D 172 -19.55 4.29 26.57
CA PRO D 172 -19.07 3.96 25.22
C PRO D 172 -17.97 4.92 24.72
N TRP D 173 -17.52 5.84 25.56
CA TRP D 173 -16.42 6.75 25.21
C TRP D 173 -15.05 6.13 25.53
N LYS D 174 -15.08 4.98 26.20
CA LYS D 174 -13.88 4.22 26.50
C LYS D 174 -13.51 3.24 25.37
N ILE D 175 -12.25 2.83 25.35
CA ILE D 175 -11.79 1.81 24.40
C ILE D 175 -11.26 0.60 25.16
N PRO D 176 -11.12 -0.55 24.49
CA PRO D 176 -10.60 -1.74 25.18
C PRO D 176 -9.11 -1.66 25.51
N SER D 177 -8.69 -2.57 26.37
CA SER D 177 -7.29 -2.94 26.52
C SER D 177 -7.05 -4.15 25.64
N TYR D 178 -6.31 -3.97 24.56
CA TYR D 178 -6.18 -4.99 23.53
C TYR D 178 -5.14 -6.07 23.84
N GLY D 179 -4.13 -5.72 24.62
CA GLY D 179 -3.07 -6.65 24.92
C GLY D 179 -3.14 -7.00 26.38
N SER D 180 -4.30 -7.50 26.83
CA SER D 180 -4.52 -7.71 28.27
C SER D 180 -5.67 -8.67 28.63
N HIS D 187 -0.58 -1.20 19.30
CA HIS D 187 -0.22 -0.16 18.35
C HIS D 187 -1.36 0.83 18.15
N LEU D 188 -1.77 1.45 19.24
CA LEU D 188 -2.96 2.28 19.27
C LEU D 188 -2.84 3.53 18.40
N ALA D 189 -3.93 3.91 17.75
CA ALA D 189 -4.06 5.26 17.23
C ALA D 189 -3.95 6.19 18.43
N PRO D 190 -3.28 7.34 18.26
CA PRO D 190 -2.99 8.25 19.39
C PRO D 190 -4.24 8.93 19.94
N PRO D 191 -4.17 9.46 21.17
CA PRO D 191 -5.28 10.21 21.75
C PRO D 191 -5.57 11.47 20.96
N ILE D 192 -6.81 11.92 20.98
CA ILE D 192 -7.18 13.20 20.39
C ILE D 192 -7.46 14.22 21.51
N PHE D 193 -6.63 15.25 21.57
CA PHE D 193 -6.81 16.33 22.53
C PHE D 193 -7.54 17.49 21.86
N PRO D 194 -8.55 18.07 22.53
CA PRO D 194 -9.18 19.31 22.07
C PRO D 194 -8.13 20.40 21.86
N PRO D 195 -8.10 21.00 20.66
CA PRO D 195 -7.04 21.89 20.15
C PRO D 195 -7.35 23.38 20.21
N GLY D 196 -6.33 24.23 20.07
CA GLY D 196 -6.52 25.67 19.99
C GLY D 196 -7.12 26.33 21.22
N PHE D 197 -7.94 27.37 21.01
CA PHE D 197 -8.64 28.10 22.09
C PHE D 197 -10.22 28.05 22.06
N GLY D 198 -10.84 27.40 23.06
CA GLY D 198 -12.30 27.34 23.15
C GLY D 198 -13.03 26.47 22.13
N GLU D 199 -12.28 25.64 21.41
CA GLU D 199 -12.89 24.72 20.45
C GLU D 199 -13.28 23.43 21.13
N ALA D 200 -14.36 22.81 20.66
CA ALA D 200 -14.80 21.53 21.18
C ALA D 200 -14.86 20.49 20.06
N ILE D 201 -14.37 19.29 20.34
CA ILE D 201 -14.45 18.20 19.37
C ILE D 201 -15.92 17.86 19.09
N VAL D 202 -16.25 17.72 17.82
CA VAL D 202 -17.59 17.34 17.41
C VAL D 202 -17.71 15.81 17.39
N TYR D 203 -18.70 15.29 18.13
CA TYR D 203 -18.94 13.86 18.17
C TYR D 203 -20.23 13.50 17.44
N PHE D 204 -20.14 12.52 16.55
CA PHE D 204 -21.28 12.06 15.78
C PHE D 204 -21.93 10.86 16.47
N MET D 205 -23.22 10.99 16.79
CA MET D 205 -23.90 10.07 17.70
C MET D 205 -24.89 9.15 16.99
N SER D 206 -24.95 7.90 17.45
CA SER D 206 -25.92 6.93 16.94
C SER D 206 -26.66 6.22 18.06
N ASP D 207 -27.93 5.92 17.83
CA ASP D 207 -28.69 5.05 18.71
C ASP D 207 -28.09 3.66 18.64
N PHE D 208 -28.01 2.98 19.78
CA PHE D 208 -27.46 1.62 19.82
C PHE D 208 -27.86 0.97 21.14
N PRO D 209 -28.19 -0.33 21.11
CA PRO D 209 -28.65 -0.96 22.36
C PRO D 209 -27.53 -1.12 23.40
N ILE D 210 -27.58 -0.24 24.39
CA ILE D 210 -26.64 -0.26 25.51
C ILE D 210 -27.42 -0.50 26.78
N VAL D 211 -27.25 -1.67 27.39
CA VAL D 211 -27.90 -1.95 28.65
C VAL D 211 -27.16 -1.19 29.74
N SER D 212 -27.91 -0.44 30.55
CA SER D 212 -27.35 0.36 31.64
C SER D 212 -26.25 1.31 31.16
N GLN D 217 -26.27 6.57 23.62
CA GLN D 217 -25.80 6.72 22.23
C GLN D 217 -24.31 6.48 22.12
N VAL D 218 -23.84 6.01 20.96
CA VAL D 218 -22.41 5.79 20.77
C VAL D 218 -21.81 6.91 19.93
N PRO D 219 -20.73 7.53 20.42
CA PRO D 219 -20.05 8.60 19.68
C PRO D 219 -18.97 8.09 18.72
N CYS D 220 -18.68 8.88 17.69
CA CYS D 220 -17.49 8.66 16.87
C CYS D 220 -16.98 10.01 16.40
N THR D 221 -15.73 10.06 15.93
CA THR D 221 -15.13 11.36 15.59
C THR D 221 -15.15 11.66 14.09
N LEU D 222 -15.32 10.62 13.27
CA LEU D 222 -15.54 10.80 11.83
C LEU D 222 -16.64 9.85 11.35
N PRO D 223 -17.56 10.37 10.53
CA PRO D 223 -18.54 9.48 9.90
C PRO D 223 -17.79 8.51 8.98
N GLN D 224 -18.26 7.27 8.87
CA GLN D 224 -17.51 6.24 8.13
C GLN D 224 -17.24 6.63 6.68
N GLU D 225 -18.22 7.24 6.03
CA GLU D 225 -18.04 7.66 4.63
C GLU D 225 -16.99 8.76 4.46
N PHE D 226 -16.72 9.52 5.53
CA PHE D 226 -15.59 10.47 5.50
C PHE D 226 -14.29 9.70 5.42
N VAL D 227 -14.20 8.61 6.20
CA VAL D 227 -13.01 7.75 6.20
C VAL D 227 -12.72 7.19 4.80
N SER D 228 -13.73 6.60 4.17
CA SER D 228 -13.51 6.00 2.86
C SER D 228 -13.22 7.08 1.81
N HIS D 229 -13.83 8.25 2.00
CA HIS D 229 -13.58 9.39 1.10
C HIS D 229 -12.09 9.76 1.12
N PHE D 230 -11.52 9.89 2.31
CA PHE D 230 -10.12 10.30 2.44
C PHE D 230 -9.19 9.24 1.86
N VAL D 231 -9.48 7.97 2.17
CA VAL D 231 -8.70 6.85 1.66
C VAL D 231 -8.69 6.81 0.13
N GLU D 232 -9.85 7.06 -0.46
CA GLU D 232 -10.00 7.11 -1.91
C GLU D 232 -9.25 8.27 -2.52
N GLN D 233 -9.45 9.45 -1.95
CA GLN D 233 -8.95 10.68 -2.56
C GLN D 233 -7.45 10.87 -2.40
N GLN D 234 -6.94 10.60 -1.20
CA GLN D 234 -5.54 10.79 -0.90
C GLN D 234 -5.12 12.22 -1.21
N ALA D 235 -5.92 13.17 -0.76
CA ALA D 235 -5.66 14.57 -1.02
C ALA D 235 -4.53 15.09 -0.13
N PRO D 236 -3.65 15.91 -0.71
CA PRO D 236 -2.60 16.61 0.03
C PRO D 236 -3.14 17.63 1.03
N VAL D 237 -2.51 17.71 2.20
CA VAL D 237 -2.84 18.71 3.19
C VAL D 237 -2.14 20.02 2.83
N ARG D 238 -2.92 21.05 2.51
CA ARG D 238 -2.34 22.30 2.02
C ARG D 238 -2.39 23.43 3.05
N GLY D 239 -2.79 23.11 4.28
CA GLY D 239 -2.83 24.09 5.34
C GLY D 239 -2.88 23.43 6.70
N GLU D 240 -2.98 24.24 7.75
CA GLU D 240 -2.97 23.73 9.11
C GLU D 240 -4.33 23.16 9.51
N ALA D 241 -5.38 23.66 8.88
CA ALA D 241 -6.73 23.17 9.14
C ALA D 241 -7.65 23.51 7.97
N ALA D 242 -8.71 22.73 7.82
CA ALA D 242 -9.67 22.96 6.74
C ALA D 242 -10.96 23.50 7.32
N LEU D 243 -11.32 24.71 6.92
CA LEU D 243 -12.57 25.31 7.32
C LEU D 243 -13.72 24.69 6.53
N LEU D 244 -14.72 24.16 7.24
CA LEU D 244 -15.90 23.60 6.61
C LEU D 244 -17.12 24.44 6.92
N HIS D 245 -18.07 24.46 5.99
CA HIS D 245 -19.41 24.98 6.27
C HIS D 245 -20.39 23.81 6.32
N TYR D 246 -21.34 23.88 7.24
CA TYR D 246 -22.43 22.91 7.31
C TYR D 246 -23.64 23.59 6.66
N VAL D 247 -24.03 23.10 5.49
CA VAL D 247 -24.96 23.83 4.63
C VAL D 247 -26.30 23.10 4.46
N ASP D 248 -27.39 23.87 4.44
CA ASP D 248 -28.69 23.30 4.10
C ASP D 248 -28.77 23.05 2.60
N PRO D 249 -29.10 21.82 2.17
CA PRO D 249 -28.95 21.45 0.77
C PRO D 249 -30.01 22.11 -0.10
N ASP D 250 -31.08 22.56 0.54
CA ASP D 250 -32.20 23.12 -0.20
C ASP D 250 -32.12 24.64 -0.34
N THR D 251 -31.69 25.32 0.71
CA THR D 251 -31.63 26.78 0.70
C THR D 251 -30.21 27.29 0.45
N HIS D 252 -29.24 26.39 0.62
CA HIS D 252 -27.82 26.70 0.41
C HIS D 252 -27.25 27.68 1.43
N ARG D 253 -28.01 27.90 2.50
CA ARG D 253 -27.56 28.75 3.59
C ARG D 253 -26.53 28.05 4.44
N ASN D 254 -25.53 28.80 4.88
CA ASN D 254 -24.52 28.26 5.79
C ASN D 254 -25.04 28.24 7.22
N LEU D 255 -25.13 27.04 7.79
CA LEU D 255 -25.69 26.88 9.13
C LEU D 255 -24.63 26.93 10.24
N GLY D 256 -23.36 26.86 9.85
CA GLY D 256 -22.30 26.91 10.85
C GLY D 256 -20.90 26.62 10.33
N GLU D 257 -19.91 27.09 11.08
CA GLU D 257 -18.50 26.87 10.75
C GLU D 257 -17.90 25.74 11.57
N PHE D 258 -17.11 24.90 10.92
CA PHE D 258 -16.40 23.80 11.58
C PHE D 258 -14.96 23.75 11.08
N LYS D 259 -14.06 23.22 11.91
CA LYS D 259 -12.67 23.00 11.51
C LYS D 259 -12.34 21.50 11.43
N LEU D 260 -11.79 21.10 10.28
CA LEU D 260 -11.37 19.73 10.04
C LEU D 260 -9.84 19.67 10.13
N TYR D 261 -9.34 18.92 11.11
CA TYR D 261 -7.89 18.84 11.35
C TYR D 261 -7.23 17.71 10.56
N PRO D 262 -5.97 17.91 10.16
CA PRO D 262 -5.21 16.90 9.40
C PRO D 262 -5.21 15.51 10.04
N ASP D 263 -5.13 15.45 11.37
CA ASP D 263 -5.11 14.16 12.07
C ASP D 263 -6.44 13.41 12.00
N GLY D 264 -7.48 14.08 11.49
CA GLY D 264 -8.73 13.40 11.19
C GLY D 264 -9.82 13.53 12.24
N PHE D 265 -10.15 14.76 12.59
CA PHE D 265 -11.28 15.03 13.48
C PHE D 265 -11.81 16.44 13.25
N ILE D 266 -12.96 16.74 13.82
CA ILE D 266 -13.67 17.98 13.57
C ILE D 266 -13.99 18.70 14.87
N THR D 267 -13.82 20.02 14.87
CA THR D 267 -14.20 20.83 16.03
C THR D 267 -15.16 21.95 15.64
N CYS D 268 -15.79 22.53 16.65
CA CYS D 268 -16.62 23.71 16.50
C CYS D 268 -16.40 24.59 17.73
N VAL D 269 -16.99 25.78 17.71
CA VAL D 269 -17.08 26.60 18.91
C VAL D 269 -18.55 26.66 19.29
N PRO D 270 -18.95 25.92 20.33
CA PRO D 270 -20.38 25.88 20.64
C PRO D 270 -20.84 27.18 21.30
N ASN D 271 -22.02 27.67 20.93
CA ASN D 271 -22.61 28.77 21.66
C ASN D 271 -22.83 28.37 23.10
N THR D 272 -22.62 29.30 24.00
CA THR D 272 -22.85 29.09 25.42
C THR D 272 -24.25 28.54 25.65
N GLY D 273 -24.35 27.41 26.33
CA GLY D 273 -25.65 26.79 26.58
C GLY D 273 -26.17 26.00 25.41
N GLY D 274 -25.43 25.98 24.30
CA GLY D 274 -25.87 25.30 23.10
C GLY D 274 -24.77 24.52 22.41
N GLY D 275 -24.86 24.45 21.09
CA GLY D 275 -23.88 23.71 20.33
C GLY D 275 -24.50 23.02 19.12
N PRO D 276 -23.72 22.17 18.45
CA PRO D 276 -24.12 21.57 17.18
C PRO D 276 -25.29 20.60 17.35
N GLN D 277 -25.58 20.22 18.59
CA GLN D 277 -26.74 19.38 18.88
C GLN D 277 -28.06 20.08 18.55
N ASN D 278 -28.03 21.40 18.40
CA ASN D 278 -29.22 22.18 18.06
C ASN D 278 -29.44 22.34 16.55
N LEU D 279 -28.48 21.87 15.76
CA LEU D 279 -28.54 21.98 14.30
C LEU D 279 -29.43 20.89 13.71
N PRO D 280 -30.00 21.14 12.52
CA PRO D 280 -30.71 20.09 11.79
C PRO D 280 -29.72 19.02 11.34
N THR D 281 -30.20 17.79 11.16
CA THR D 281 -29.31 16.68 10.81
C THR D 281 -29.34 16.34 9.33
N ASN D 282 -29.93 17.23 8.53
CA ASN D 282 -30.01 17.02 7.10
C ASN D 282 -29.07 17.93 6.32
N GLY D 283 -28.11 18.52 7.04
CA GLY D 283 -27.15 19.43 6.43
C GLY D 283 -25.96 18.69 5.84
N VAL D 284 -25.23 19.38 4.96
CA VAL D 284 -24.09 18.78 4.28
C VAL D 284 -22.82 19.58 4.56
N PHE D 285 -21.77 18.89 5.02
CA PHE D 285 -20.46 19.53 5.15
C PHE D 285 -19.86 19.82 3.78
N VAL D 286 -19.30 21.02 3.64
CA VAL D 286 -18.67 21.46 2.40
C VAL D 286 -17.34 22.17 2.70
N PHE D 287 -16.28 21.77 2.01
CA PHE D 287 -14.98 22.43 2.19
C PHE D 287 -15.05 23.90 1.73
N SER D 288 -14.51 24.79 2.56
CA SER D 288 -14.53 26.22 2.25
C SER D 288 -13.14 26.73 1.90
N SER D 289 -12.18 26.58 2.81
CA SER D 289 -10.79 26.99 2.53
C SER D 289 -9.82 26.44 3.58
N TRP D 290 -8.53 26.50 3.27
CA TRP D 290 -7.51 26.20 4.27
C TRP D 290 -7.32 27.42 5.15
N VAL D 291 -7.26 27.20 6.46
CA VAL D 291 -7.11 28.29 7.39
C VAL D 291 -5.98 28.00 8.37
N SER D 292 -5.64 29.03 9.12
CA SER D 292 -4.58 28.91 10.08
C SER D 292 -5.01 28.02 11.24
N ARG D 293 -4.05 27.37 11.86
CA ARG D 293 -4.31 26.53 13.01
C ARG D 293 -5.22 27.19 14.04
N TYR D 294 -5.03 28.48 14.29
CA TYR D 294 -5.79 29.17 15.33
C TYR D 294 -6.87 30.09 14.77
N TYR D 295 -7.35 29.77 13.57
CA TYR D 295 -8.51 30.47 13.01
C TYR D 295 -9.67 30.40 13.99
N GLN D 296 -10.26 31.56 14.30
CA GLN D 296 -11.35 31.63 15.27
C GLN D 296 -12.73 31.42 14.65
N LEU D 297 -13.38 30.32 15.03
CA LEU D 297 -14.66 29.96 14.44
C LEU D 297 -15.83 30.77 14.99
N LYS D 298 -16.81 31.00 14.13
CA LYS D 298 -18.09 31.55 14.55
C LYS D 298 -18.88 30.56 15.41
N PRO D 299 -19.26 30.97 16.62
CA PRO D 299 -20.00 30.05 17.50
C PRO D 299 -21.28 29.50 16.87
N VAL D 300 -21.61 28.25 17.19
CA VAL D 300 -22.73 27.55 16.56
C VAL D 300 -23.67 26.96 17.62
N GLY D 301 -24.95 26.83 17.30
CA GLY D 301 -25.90 26.26 18.22
C GLY D 301 -26.41 27.25 19.24
#